data_8VSC
#
_entry.id   8VSC
#
_cell.length_a   1.00
_cell.length_b   1.00
_cell.length_c   1.00
_cell.angle_alpha   90.00
_cell.angle_beta   90.00
_cell.angle_gamma   90.00
#
_symmetry.space_group_name_H-M   'P 1'
#
loop_
_entity.id
_entity.type
_entity.pdbx_description
1 polymer 'Transforming growth factor beta-1 proprotein'
2 polymer 'Transforming growth factor beta activator LRRC32'
#
loop_
_entity_poly.entity_id
_entity_poly.type
_entity_poly.pdbx_seq_one_letter_code
_entity_poly.pdbx_strand_id
1 'polypeptide(L)'
;MPPSGLRLLLLLLPLLWLLVLTPGRPAAGLSTCKTIDMELVKRKRIEAIRGQILSKLRLASPPSQGEVPPGPLPEAVLAL
YNSTRDRVAGESAEPEPEPEADYYAKEVTRVLMVETHNEIYDKFKQSTHSIYMFFNTSELREAVPEPVLLSRAELRLLRL
KLKVEQHVELYQKYSNNSWRYLSNRLLAPSDSPEWLSFDVTGVVRQWLSRGGEIEGFRLSAHCSCDSRDNTLQVDINGFT
TGRRGDLATIHGMNRPFLLLMATPLERAQHLQSSRHRRALDTNYCFSSTEKNCCVRQLYIDFRKDLGWKWIHEPKGYHAN
FCLGPCPYIWSLDTQYSKVLALYNQHNPGASAAPCCVPQALEPLPIVYYVGRKPKVEQLSNMIVRSCKCS
;
A,B
2 'polypeptide(L)'
;HQDKVPCKMVDKKVSCQVLGLLQVPSVLPPDTETLDLSGNQLRSILASPLGFYTALRHLDLSTNEISFLQPGAFQALTHL
EHLSLAHNRLAMATALSAGGLGPLPRVTSLDLSGNSLYSGLLERLLGEAPSLHTLSLAENSLTRLTRHTFRDMPALEQLD
LHSNVLMDIEDGAFEGLPRLTHLNLSRNSLTCISDFSLQQLRVLDLSCNSIEAFQTASQPQAEFQLTWLDLRENKLLHFP
DLAALPRLIYLNLSNNLIRLPTGPPQDSKGIHAPSEGWSALPLSAPSGNASGRPLSQLLNLDLSYNEIELIPDSFLEHLT
SLCFLNLSRNCLRTFEARRLGSLPCLMLLDLSHNALETLELGARALGSLRTLLLQGNALRDLPPYTFANLASLQRLNLQG
NRVSPCGGPDEPGPSGCVAFSGITSLRSLSLVDNEIELLRAGAFLHTPLTELDLSSNPGLEVATGALGGLEASLEVLALQ
GNGLMVLQVDLPCFICLKRLNLAENRLSHLPAWTQAVSLEVLDLRNNSFSLLPGSAMGGLETSLRRLYLQGNPLSCCGNG
WLAAQLHQGRVDVDATQDLICRFSSQEEVSLSHVRPEDCEKGGLKNIN
;
I
#
# COMPACT_ATOMS: atom_id res chain seq x y z
N THR A 32 2.81 18.52 0.69
CA THR A 32 3.86 18.42 1.73
C THR A 32 3.28 17.90 3.05
N CYS A 33 2.14 18.45 3.46
CA CYS A 33 1.53 18.07 4.72
C CYS A 33 1.13 16.60 4.70
N LYS A 34 1.50 15.88 5.76
CA LYS A 34 1.09 14.50 5.95
C LYS A 34 0.97 14.24 7.44
N THR A 35 0.11 13.29 7.79
CA THR A 35 -0.19 12.97 9.19
C THR A 35 -0.22 11.45 9.37
N ILE A 36 0.82 10.79 8.87
CA ILE A 36 0.83 9.34 8.78
C ILE A 36 1.07 8.72 10.14
N ASP A 37 0.39 7.62 10.41
CA ASP A 37 0.74 6.68 11.47
C ASP A 37 1.34 5.46 10.80
N MET A 38 2.67 5.38 10.78
CA MET A 38 3.35 4.33 10.02
C MET A 38 2.95 2.94 10.50
N GLU A 39 2.74 2.78 11.81
CA GLU A 39 2.35 1.47 12.33
C GLU A 39 1.02 1.02 11.74
N LEU A 40 0.05 1.93 11.66
CA LEU A 40 -1.25 1.57 11.10
C LEU A 40 -1.15 1.21 9.63
N VAL A 41 -0.34 1.94 8.86
CA VAL A 41 -0.14 1.58 7.46
C VAL A 41 0.46 0.19 7.35
N LYS A 42 1.44 -0.11 8.20
CA LYS A 42 2.07 -1.43 8.15
C LYS A 42 1.08 -2.52 8.48
N ARG A 43 0.26 -2.34 9.52
CA ARG A 43 -0.71 -3.38 9.86
C ARG A 43 -1.78 -3.51 8.78
N LYS A 44 -2.14 -2.41 8.14
CA LYS A 44 -3.06 -2.48 7.01
C LYS A 44 -2.49 -3.36 5.91
N ARG A 45 -1.19 -3.20 5.61
CA ARG A 45 -0.62 -4.05 4.57
C ARG A 45 -0.47 -5.49 5.03
N ILE A 46 -0.22 -5.73 6.32
CA ILE A 46 -0.16 -7.12 6.80
C ILE A 46 -1.50 -7.80 6.59
N GLU A 47 -2.58 -7.15 7.04
CA GLU A 47 -3.90 -7.74 6.88
C GLU A 47 -4.35 -7.77 5.43
N ALA A 48 -3.78 -6.92 4.57
CA ALA A 48 -4.05 -7.01 3.14
C ALA A 48 -3.31 -8.18 2.51
N ILE A 49 -2.07 -8.44 2.96
CA ILE A 49 -1.31 -9.57 2.46
C ILE A 49 -1.99 -10.88 2.82
N ARG A 50 -2.54 -10.95 4.03
CA ARG A 50 -3.31 -12.14 4.42
C ARG A 50 -4.39 -12.45 3.39
N GLY A 51 -5.29 -11.48 3.17
CA GLY A 51 -6.38 -11.68 2.24
C GLY A 51 -5.90 -11.89 0.81
N GLN A 52 -4.83 -11.21 0.42
CA GLN A 52 -4.31 -11.36 -0.93
C GLN A 52 -3.80 -12.77 -1.17
N ILE A 53 -3.02 -13.32 -0.23
CA ILE A 53 -2.51 -14.66 -0.38
C ILE A 53 -3.65 -15.67 -0.39
N LEU A 54 -4.64 -15.48 0.50
CA LEU A 54 -5.73 -16.43 0.56
C LEU A 54 -6.62 -16.35 -0.68
N SER A 55 -6.79 -15.14 -1.23
CA SER A 55 -7.67 -14.97 -2.39
C SER A 55 -7.00 -15.47 -3.67
N LYS A 56 -5.70 -15.19 -3.83
CA LYS A 56 -5.00 -15.63 -5.02
C LYS A 56 -5.02 -17.14 -5.14
N LEU A 57 -4.86 -17.85 -4.02
CA LEU A 57 -4.97 -19.30 -4.01
C LEU A 57 -6.43 -19.77 -3.97
N ARG A 58 -7.38 -18.86 -3.76
CA ARG A 58 -8.79 -19.22 -3.62
C ARG A 58 -8.99 -20.29 -2.56
N LEU A 59 -8.29 -20.12 -1.44
CA LEU A 59 -8.45 -20.98 -0.27
C LEU A 59 -9.52 -20.36 0.62
N ALA A 60 -10.63 -21.08 0.82
CA ALA A 60 -11.66 -20.57 1.72
C ALA A 60 -11.14 -20.42 3.14
N SER A 61 -10.29 -21.34 3.58
CA SER A 61 -9.67 -21.27 4.89
C SER A 61 -8.29 -21.92 4.79
N PRO A 62 -7.40 -21.66 5.74
CA PRO A 62 -6.06 -22.27 5.68
C PRO A 62 -6.14 -23.77 5.57
N PRO A 63 -5.34 -24.40 4.71
CA PRO A 63 -5.45 -25.86 4.54
C PRO A 63 -5.10 -26.60 5.82
N SER A 64 -5.75 -27.75 6.00
CA SER A 64 -5.52 -28.56 7.19
C SER A 64 -4.17 -29.26 7.12
N GLN A 65 -3.45 -29.24 8.24
CA GLN A 65 -2.16 -29.91 8.37
C GLN A 65 -2.27 -31.29 9.00
N GLY A 66 -3.50 -31.80 9.17
CA GLY A 66 -3.71 -33.03 9.91
C GLY A 66 -3.06 -34.27 9.31
N GLU A 67 -2.70 -34.23 8.02
CA GLU A 67 -2.10 -35.39 7.36
C GLU A 67 -0.84 -35.01 6.58
N VAL A 68 -0.15 -33.95 7.00
CA VAL A 68 1.12 -33.58 6.35
C VAL A 68 2.21 -34.54 6.79
N PRO A 69 2.99 -35.13 5.87
CA PRO A 69 4.05 -36.04 6.30
C PRO A 69 5.09 -35.31 7.16
N PRO A 70 5.71 -36.00 8.11
CA PRO A 70 6.77 -35.36 8.89
C PRO A 70 8.07 -35.27 8.12
N GLY A 71 8.97 -34.43 8.62
CA GLY A 71 10.29 -34.28 8.05
C GLY A 71 10.35 -33.21 6.99
N PRO A 72 11.49 -33.10 6.31
CA PRO A 72 11.67 -32.05 5.31
C PRO A 72 10.90 -32.35 4.03
N LEU A 73 10.83 -31.36 3.16
CA LEU A 73 10.14 -31.51 1.90
C LEU A 73 10.90 -32.47 0.99
N PRO A 74 10.24 -33.08 0.01
CA PRO A 74 10.96 -33.95 -0.93
C PRO A 74 12.03 -33.17 -1.69
N GLU A 75 13.08 -33.89 -2.10
CA GLU A 75 14.18 -33.25 -2.79
C GLU A 75 13.72 -32.62 -4.10
N ALA A 76 12.83 -33.31 -4.83
CA ALA A 76 12.32 -32.75 -6.08
C ALA A 76 11.53 -31.47 -5.85
N VAL A 77 10.73 -31.42 -4.80
CA VAL A 77 9.94 -30.22 -4.51
C VAL A 77 10.84 -29.04 -4.20
N LEU A 78 11.87 -29.26 -3.37
CA LEU A 78 12.81 -28.18 -3.06
C LEU A 78 13.58 -27.77 -4.31
N ALA A 79 13.93 -28.72 -5.16
CA ALA A 79 14.61 -28.38 -6.41
C ALA A 79 13.72 -27.49 -7.28
N LEU A 80 12.44 -27.83 -7.38
CA LEU A 80 11.52 -27.01 -8.16
C LEU A 80 11.37 -25.62 -7.55
N TYR A 81 11.29 -25.55 -6.21
CA TYR A 81 11.14 -24.26 -5.55
C TYR A 81 12.36 -23.38 -5.80
N ASN A 82 13.56 -23.96 -5.72
CA ASN A 82 14.77 -23.20 -6.01
C ASN A 82 14.80 -22.79 -7.48
N SER A 83 14.34 -23.67 -8.37
CA SER A 83 14.33 -23.41 -9.80
C SER A 83 13.45 -22.20 -10.12
N THR A 84 12.28 -22.12 -9.50
CA THR A 84 11.39 -20.98 -9.71
C THR A 84 11.79 -19.74 -8.93
N ARG A 85 12.52 -19.90 -7.82
CA ARG A 85 12.84 -18.76 -6.97
C ARG A 85 14.04 -17.97 -7.49
N ASP A 86 14.99 -18.64 -8.15
CA ASP A 86 16.21 -17.97 -8.56
C ASP A 86 15.93 -16.94 -9.66
N ARG A 87 16.81 -15.95 -9.74
CA ARG A 87 16.76 -14.94 -10.78
C ARG A 87 17.34 -15.50 -12.07
N VAL A 88 16.84 -15.00 -13.20
CA VAL A 88 17.22 -15.52 -14.50
C VAL A 88 17.48 -14.38 -15.47
N ASP A 102 9.82 9.56 -20.33
CA ASP A 102 10.09 10.88 -19.77
C ASP A 102 8.80 11.70 -19.74
N TYR A 103 8.71 12.62 -18.78
CA TYR A 103 7.48 13.36 -18.56
C TYR A 103 7.24 14.42 -19.63
N TYR A 104 8.28 15.15 -20.02
CA TYR A 104 8.09 16.36 -20.80
C TYR A 104 8.00 16.05 -22.29
N ALA A 105 7.41 17.00 -23.03
CA ALA A 105 7.08 16.77 -24.43
C ALA A 105 8.34 16.61 -25.27
N LYS A 106 8.19 15.94 -26.41
CA LYS A 106 9.26 15.67 -27.34
C LYS A 106 9.01 16.42 -28.64
N GLU A 107 10.07 16.90 -29.27
CA GLU A 107 9.95 17.60 -30.54
C GLU A 107 10.01 16.59 -31.69
N VAL A 108 8.97 16.59 -32.52
CA VAL A 108 8.84 15.66 -33.63
C VAL A 108 9.49 16.26 -34.86
N THR A 109 10.30 15.46 -35.56
CA THR A 109 11.06 15.94 -36.71
C THR A 109 11.41 14.78 -37.61
N ARG A 110 10.93 14.83 -38.86
CA ARG A 110 11.30 13.84 -39.86
C ARG A 110 12.64 14.19 -40.47
N VAL A 111 13.37 13.17 -40.89
CA VAL A 111 14.54 13.32 -41.78
C VAL A 111 14.47 12.18 -42.78
N LEU A 112 14.44 12.53 -44.07
CA LEU A 112 14.21 11.54 -45.11
C LEU A 112 15.51 10.88 -45.53
N MET A 113 15.38 9.66 -46.06
CA MET A 113 16.52 8.94 -46.60
C MET A 113 17.10 9.68 -47.80
N VAL A 114 18.42 9.55 -47.99
CA VAL A 114 19.03 10.07 -49.19
C VAL A 114 18.41 9.35 -50.40
N GLU A 115 18.28 10.09 -51.50
CA GLU A 115 17.71 9.51 -52.71
C GLU A 115 18.54 8.32 -53.14
N THR A 116 17.87 7.20 -53.41
CA THR A 116 18.58 5.96 -53.69
C THR A 116 19.43 6.08 -54.95
N HIS A 117 18.96 6.88 -55.92
CA HIS A 117 19.72 7.06 -57.15
C HIS A 117 20.93 7.97 -56.98
N ASN A 118 21.06 8.67 -55.84
CA ASN A 118 22.03 9.75 -55.73
C ASN A 118 23.27 9.28 -54.97
N GLU A 119 23.10 8.50 -53.88
CA GLU A 119 24.23 8.03 -53.09
C GLU A 119 24.28 6.53 -52.86
N ILE A 120 23.20 5.79 -53.09
CA ILE A 120 23.13 4.37 -52.72
C ILE A 120 23.40 3.47 -53.92
N TYR A 121 22.79 3.77 -55.07
CA TYR A 121 22.98 2.93 -56.25
C TYR A 121 24.43 2.92 -56.72
N ASP A 122 25.23 3.90 -56.32
CA ASP A 122 26.63 3.93 -56.70
C ASP A 122 27.40 2.72 -56.16
N LYS A 123 26.97 2.15 -55.02
CA LYS A 123 27.67 1.03 -54.42
C LYS A 123 26.78 -0.14 -54.04
N PHE A 124 25.49 0.07 -53.74
CA PHE A 124 24.58 -1.00 -53.34
C PHE A 124 23.25 -0.86 -54.04
N LYS A 125 22.62 -1.99 -54.33
CA LYS A 125 21.30 -2.02 -54.95
C LYS A 125 20.48 -3.11 -54.27
N GLN A 126 19.16 -2.94 -54.30
CA GLN A 126 18.29 -3.94 -53.69
C GLN A 126 18.46 -5.29 -54.40
N SER A 127 18.47 -6.35 -53.61
CA SER A 127 18.74 -7.68 -54.11
C SER A 127 17.85 -8.69 -53.42
N THR A 128 18.01 -9.96 -53.80
CA THR A 128 17.27 -11.04 -53.14
C THR A 128 17.59 -11.10 -51.66
N HIS A 129 18.81 -10.70 -51.28
CA HIS A 129 19.21 -10.78 -49.88
C HIS A 129 18.63 -9.61 -49.07
N SER A 130 19.00 -8.38 -49.42
CA SER A 130 18.81 -7.27 -48.52
C SER A 130 18.57 -5.96 -49.27
N ILE A 131 17.93 -5.02 -48.58
CA ILE A 131 17.80 -3.64 -49.03
C ILE A 131 18.75 -2.78 -48.21
N TYR A 132 19.28 -1.72 -48.83
CA TYR A 132 20.23 -0.83 -48.20
C TYR A 132 19.65 0.58 -48.13
N MET A 133 19.86 1.24 -46.99
CA MET A 133 19.36 2.59 -46.76
C MET A 133 20.49 3.42 -46.17
N PHE A 134 20.52 4.71 -46.49
CA PHE A 134 21.54 5.61 -46.00
C PHE A 134 20.95 7.00 -45.77
N PHE A 135 21.46 7.68 -44.75
CA PHE A 135 20.90 8.95 -44.30
C PHE A 135 22.02 9.97 -44.18
N ASN A 136 21.71 11.21 -44.56
CA ASN A 136 22.67 12.31 -44.45
C ASN A 136 22.83 12.67 -42.99
N THR A 137 23.99 12.32 -42.42
CA THR A 137 24.21 12.56 -40.99
C THR A 137 24.21 14.05 -40.67
N SER A 138 24.66 14.89 -41.60
CA SER A 138 24.59 16.32 -41.39
C SER A 138 23.15 16.78 -41.25
N GLU A 139 22.24 16.21 -42.05
CA GLU A 139 20.82 16.51 -41.88
C GLU A 139 20.29 16.04 -40.53
N LEU A 140 20.76 14.88 -40.05
CA LEU A 140 20.37 14.41 -38.73
C LEU A 140 20.81 15.39 -37.65
N ARG A 141 22.05 15.88 -37.74
CA ARG A 141 22.52 16.89 -36.80
C ARG A 141 21.72 18.17 -36.91
N GLU A 142 21.34 18.56 -38.13
CA GLU A 142 20.52 19.74 -38.32
C GLU A 142 19.18 19.58 -37.62
N ALA A 143 18.54 18.42 -37.77
CA ALA A 143 17.27 18.17 -37.10
C ALA A 143 17.44 18.16 -35.58
N VAL A 144 18.47 17.48 -35.08
CA VAL A 144 18.75 17.39 -33.65
C VAL A 144 20.23 17.70 -33.44
N PRO A 145 20.59 18.83 -32.81
CA PRO A 145 22.01 19.23 -32.80
C PRO A 145 22.91 18.35 -31.93
N GLU A 146 22.50 18.03 -30.71
CA GLU A 146 23.38 17.37 -29.74
C GLU A 146 22.80 16.04 -29.31
N PRO A 147 23.64 15.06 -28.95
CA PRO A 147 23.10 13.76 -28.52
C PRO A 147 22.20 13.83 -27.30
N VAL A 148 22.51 14.71 -26.34
CA VAL A 148 21.79 14.73 -25.07
C VAL A 148 20.34 15.14 -25.21
N LEU A 149 19.91 15.60 -26.38
CA LEU A 149 18.54 16.02 -26.60
C LEU A 149 17.64 14.91 -27.10
N LEU A 150 18.21 13.93 -27.81
CA LEU A 150 17.39 12.86 -28.37
C LEU A 150 16.80 12.00 -27.27
N SER A 151 15.55 11.62 -27.43
CA SER A 151 14.85 10.71 -26.54
C SER A 151 14.38 9.44 -27.23
N ARG A 152 13.83 9.55 -28.45
CA ARG A 152 13.39 8.39 -29.20
C ARG A 152 13.58 8.66 -30.69
N ALA A 153 13.78 7.59 -31.45
CA ALA A 153 13.92 7.68 -32.90
C ALA A 153 13.63 6.31 -33.48
N GLU A 154 12.77 6.27 -34.50
CA GLU A 154 12.35 5.02 -35.13
C GLU A 154 12.35 5.17 -36.63
N LEU A 155 12.84 4.14 -37.32
CA LEU A 155 12.91 4.12 -38.77
C LEU A 155 11.56 3.65 -39.31
N ARG A 156 10.79 4.57 -39.87
CA ARG A 156 9.42 4.29 -40.31
C ARG A 156 9.45 3.68 -41.70
N LEU A 157 9.47 2.34 -41.76
CA LEU A 157 9.36 1.63 -43.02
C LEU A 157 7.91 1.62 -43.50
N LEU A 158 7.73 1.50 -44.81
CA LEU A 158 6.43 1.27 -45.43
C LEU A 158 6.54 0.04 -46.32
N ARG A 159 5.60 -0.89 -46.15
CA ARG A 159 5.54 -2.08 -46.98
C ARG A 159 4.44 -1.89 -48.02
N LEU A 160 4.80 -2.01 -49.30
CA LEU A 160 3.84 -1.79 -50.37
C LEU A 160 2.75 -2.85 -50.37
N LYS A 161 3.12 -4.10 -50.15
CA LYS A 161 2.16 -5.20 -50.13
C LYS A 161 2.77 -6.43 -49.48
N LYS A 163 1.73 -10.48 -48.29
CA LYS A 163 1.96 -11.46 -49.34
C LYS A 163 2.27 -12.83 -48.75
N VAL A 164 3.45 -12.94 -48.14
CA VAL A 164 3.89 -14.19 -47.50
C VAL A 164 4.55 -13.82 -46.18
N GLU A 165 4.53 -14.76 -45.23
CA GLU A 165 5.15 -14.54 -43.94
C GLU A 165 6.66 -14.36 -44.12
N GLN A 166 7.14 -13.13 -43.93
CA GLN A 166 8.52 -12.77 -44.24
C GLN A 166 9.24 -12.39 -42.96
N HIS A 167 10.45 -12.92 -42.79
CA HIS A 167 11.32 -12.55 -41.67
C HIS A 167 12.40 -11.60 -42.18
N VAL A 168 12.38 -10.36 -41.68
CA VAL A 168 13.35 -9.34 -42.07
C VAL A 168 14.05 -8.85 -40.82
N GLU A 169 15.35 -8.56 -40.96
CA GLU A 169 16.16 -8.05 -39.86
C GLU A 169 16.87 -6.78 -40.29
N LEU A 170 17.17 -5.94 -39.31
CA LEU A 170 17.78 -4.64 -39.55
C LEU A 170 19.22 -4.65 -39.02
N TYR A 171 20.17 -4.32 -39.90
CA TYR A 171 21.57 -4.20 -39.53
C TYR A 171 22.00 -2.75 -39.58
N GLN A 172 23.17 -2.49 -38.99
CA GLN A 172 23.91 -1.27 -39.27
C GLN A 172 24.80 -1.47 -40.50
N LYS A 173 25.25 -0.34 -41.05
CA LYS A 173 26.34 -0.34 -42.02
C LYS A 173 27.17 0.90 -41.76
N TYR A 174 28.17 0.78 -40.89
CA TYR A 174 29.17 1.84 -40.75
C TYR A 174 29.97 1.97 -42.03
N SER A 175 30.35 0.84 -42.63
CA SER A 175 31.02 0.80 -43.91
C SER A 175 30.62 -0.51 -44.59
N ASN A 176 31.16 -0.71 -45.79
CA ASN A 176 30.81 -1.92 -46.55
C ASN A 176 31.21 -3.18 -45.79
N ASN A 177 32.25 -3.10 -44.96
CA ASN A 177 32.76 -4.26 -44.24
C ASN A 177 32.17 -4.41 -42.84
N SER A 178 31.27 -3.53 -42.42
CA SER A 178 30.76 -3.55 -41.05
C SER A 178 29.54 -4.45 -40.93
N TRP A 179 29.37 -5.02 -39.73
CA TRP A 179 28.22 -5.86 -39.41
C TRP A 179 27.78 -5.56 -37.99
N ARG A 180 26.49 -5.26 -37.81
CA ARG A 180 25.95 -4.99 -36.49
C ARG A 180 24.43 -5.10 -36.55
N TYR A 181 23.88 -6.05 -35.81
CA TYR A 181 22.45 -6.31 -35.84
C TYR A 181 21.70 -5.37 -34.90
N LEU A 182 20.46 -5.03 -35.27
CA LEU A 182 19.60 -4.18 -34.45
C LEU A 182 18.38 -4.93 -33.93
N SER A 183 17.57 -5.50 -34.83
CA SER A 183 16.29 -6.08 -34.46
C SER A 183 15.73 -6.79 -35.70
N ASN A 184 14.56 -7.37 -35.53
CA ASN A 184 13.88 -8.06 -36.61
C ASN A 184 12.38 -8.10 -36.35
N ARG A 185 11.63 -8.47 -37.38
CA ARG A 185 10.19 -8.61 -37.27
C ARG A 185 9.72 -9.74 -38.16
N LEU A 186 8.63 -10.39 -37.76
CA LEU A 186 7.99 -11.44 -38.54
C LEU A 186 6.75 -10.82 -39.18
N LEU A 187 6.85 -10.52 -40.48
CA LEU A 187 5.81 -9.77 -41.16
C LEU A 187 4.78 -10.74 -41.73
N ALA A 188 3.58 -10.76 -41.16
CA ALA A 188 2.54 -11.64 -41.67
C ALA A 188 1.99 -11.11 -42.99
N PRO A 189 1.34 -11.95 -43.78
CA PRO A 189 0.74 -11.47 -45.03
C PRO A 189 -0.30 -10.38 -44.77
N SER A 190 -0.36 -9.42 -45.68
CA SER A 190 -1.26 -8.28 -45.55
C SER A 190 -1.97 -8.02 -46.87
N ASP A 191 -3.18 -7.47 -46.78
CA ASP A 191 -3.96 -7.11 -47.96
C ASP A 191 -3.79 -5.65 -48.36
N SER A 192 -3.12 -4.84 -47.55
CA SER A 192 -2.99 -3.41 -47.78
C SER A 192 -1.60 -2.96 -47.41
N PRO A 193 -1.13 -1.83 -47.95
CA PRO A 193 0.15 -1.27 -47.48
C PRO A 193 0.05 -0.83 -46.02
N GLU A 194 1.17 -0.89 -45.33
CA GLU A 194 1.21 -0.52 -43.92
C GLU A 194 2.59 -0.01 -43.56
N TRP A 195 2.62 0.90 -42.58
CA TRP A 195 3.88 1.36 -42.00
C TRP A 195 4.37 0.36 -40.94
N LEU A 196 5.69 0.21 -40.86
CA LEU A 196 6.31 -0.62 -39.84
C LEU A 196 7.58 0.08 -39.37
N SER A 197 7.83 0.01 -38.06
CA SER A 197 8.86 0.83 -37.44
C SER A 197 9.79 -0.02 -36.58
N PHE A 198 11.09 0.32 -36.62
CA PHE A 198 12.09 -0.24 -35.72
C PHE A 198 12.61 0.88 -34.83
N ASP A 199 12.55 0.68 -33.51
CA ASP A 199 13.10 1.67 -32.61
C ASP A 199 14.62 1.64 -32.67
N VAL A 200 15.22 2.77 -33.06
CA VAL A 200 16.64 2.84 -33.39
C VAL A 200 17.30 3.97 -32.63
N THR A 201 16.79 4.26 -31.42
CA THR A 201 17.18 5.47 -30.69
C THR A 201 18.69 5.54 -30.45
N GLY A 202 19.28 4.47 -29.93
CA GLY A 202 20.69 4.51 -29.56
C GLY A 202 21.62 4.71 -30.74
N VAL A 203 21.30 4.07 -31.87
CA VAL A 203 22.11 4.23 -33.07
C VAL A 203 22.11 5.69 -33.52
N VAL A 204 20.94 6.32 -33.51
CA VAL A 204 20.87 7.72 -33.91
C VAL A 204 21.60 8.60 -32.92
N ARG A 205 21.52 8.28 -31.62
CA ARG A 205 22.23 9.08 -30.64
C ARG A 205 23.74 9.01 -30.84
N GLN A 206 24.28 7.81 -31.07
CA GLN A 206 25.72 7.71 -31.29
C GLN A 206 26.12 8.28 -32.65
N TRP A 207 25.20 8.28 -33.62
CA TRP A 207 25.46 8.99 -34.87
C TRP A 207 25.60 10.49 -34.63
N LEU A 208 24.69 11.06 -33.83
CA LEU A 208 24.81 12.47 -33.48
C LEU A 208 26.09 12.76 -32.71
N SER A 209 26.50 11.84 -31.83
CA SER A 209 27.73 12.01 -31.07
C SER A 209 28.97 12.01 -31.97
N ARG A 210 29.09 10.98 -32.84
CA ARG A 210 30.30 10.86 -33.66
C ARG A 210 30.02 10.39 -35.09
N GLY A 211 28.84 10.64 -35.64
CA GLY A 211 28.57 10.24 -37.01
C GLY A 211 29.32 11.09 -38.01
N GLY A 212 29.50 10.54 -39.20
CA GLY A 212 30.21 11.22 -40.27
C GLY A 212 29.28 12.05 -41.13
N GLU A 213 29.27 11.79 -42.43
CA GLU A 213 28.41 12.50 -43.37
C GLU A 213 27.23 11.64 -43.84
N ILE A 214 27.48 10.42 -44.29
CA ILE A 214 26.44 9.53 -44.76
C ILE A 214 26.67 8.15 -44.17
N GLU A 215 25.63 7.57 -43.58
CA GLU A 215 25.66 6.21 -43.06
C GLU A 215 24.21 5.76 -42.90
N GLY A 216 24.02 4.46 -42.70
CA GLY A 216 22.66 3.96 -42.58
C GLY A 216 22.49 2.51 -42.17
N PHE A 217 21.41 1.90 -42.66
CA PHE A 217 20.98 0.58 -42.23
C PHE A 217 20.96 -0.37 -43.41
N ARG A 218 20.79 -1.66 -43.11
CA ARG A 218 20.52 -2.69 -44.09
C ARG A 218 19.35 -3.52 -43.60
N LEU A 219 18.36 -3.72 -44.48
CA LEU A 219 17.19 -4.54 -44.18
C LEU A 219 17.32 -5.84 -44.95
N SER A 220 17.58 -6.93 -44.23
CA SER A 220 17.91 -8.21 -44.83
C SER A 220 16.87 -9.25 -44.48
N ALA A 221 16.62 -10.16 -45.41
CA ALA A 221 15.80 -11.33 -45.12
C ALA A 221 16.58 -12.32 -44.27
N HIS A 222 15.88 -12.98 -43.36
CA HIS A 222 16.54 -13.92 -42.46
C HIS A 222 17.15 -15.08 -43.24
N CYS A 223 18.30 -15.55 -42.75
CA CYS A 223 19.03 -16.66 -43.36
C CYS A 223 19.13 -17.80 -42.34
N SER A 224 18.17 -18.72 -42.40
CA SER A 224 18.27 -19.95 -41.63
C SER A 224 19.55 -20.67 -42.03
N CYS A 225 20.29 -21.14 -41.01
CA CYS A 225 21.71 -21.40 -41.21
C CYS A 225 21.98 -22.76 -41.85
N ASP A 226 20.94 -23.55 -42.11
CA ASP A 226 21.10 -24.84 -42.79
C ASP A 226 21.48 -24.62 -44.25
N THR A 231 14.70 -15.53 -49.30
CA THR A 231 14.71 -14.43 -50.25
C THR A 231 13.84 -13.28 -49.75
N LEU A 232 14.18 -12.06 -50.17
CA LEU A 232 13.46 -10.86 -49.74
C LEU A 232 12.24 -10.66 -50.64
N GLN A 233 11.23 -11.50 -50.40
CA GLN A 233 9.99 -11.43 -51.18
C GLN A 233 9.22 -10.15 -50.87
N VAL A 234 9.36 -9.60 -49.66
CA VAL A 234 8.59 -8.43 -49.28
C VAL A 234 9.05 -7.23 -50.11
N ASP A 235 8.09 -6.38 -50.46
CA ASP A 235 8.33 -5.19 -51.28
C ASP A 235 8.26 -3.94 -50.41
N ILE A 236 9.21 -3.03 -50.62
CA ILE A 236 9.33 -1.80 -49.85
C ILE A 236 9.17 -0.61 -50.79
N ASN A 237 8.61 0.48 -50.27
CA ASN A 237 8.59 1.73 -51.01
C ASN A 237 9.99 2.31 -51.09
N GLY A 238 10.31 2.89 -52.24
CA GLY A 238 11.64 3.39 -52.51
C GLY A 238 12.63 2.34 -52.99
N PHE A 239 12.23 1.07 -53.00
CA PHE A 239 13.03 -0.04 -53.50
C PHE A 239 12.16 -0.99 -54.32
N THR A 240 11.27 -0.42 -55.12
CA THR A 240 10.31 -1.20 -55.91
C THR A 240 11.03 -2.16 -56.85
N ILE A 250 5.35 7.40 -56.39
CA ILE A 250 5.28 6.69 -55.12
C ILE A 250 6.69 6.36 -54.64
N HIS A 251 7.59 6.11 -55.60
CA HIS A 251 8.95 5.72 -55.26
C HIS A 251 9.68 6.83 -54.50
N GLY A 252 9.52 8.08 -54.94
CA GLY A 252 10.29 9.18 -54.40
C GLY A 252 9.81 9.76 -53.09
N MET A 253 8.58 9.46 -52.68
CA MET A 253 8.02 10.02 -51.45
C MET A 253 7.48 8.86 -50.62
N ASN A 254 7.28 9.11 -49.32
CA ASN A 254 6.94 8.07 -48.35
C ASN A 254 8.06 7.03 -48.26
N ARG A 255 9.27 7.45 -48.60
CA ARG A 255 10.44 6.59 -48.46
C ARG A 255 10.78 6.43 -46.98
N PRO A 256 11.58 5.43 -46.63
CA PRO A 256 11.95 5.25 -45.21
C PRO A 256 12.61 6.50 -44.64
N PHE A 257 12.26 6.81 -43.40
CA PHE A 257 12.75 8.00 -42.72
C PHE A 257 12.84 7.72 -41.23
N LEU A 258 13.54 8.61 -40.52
CA LEU A 258 13.58 8.57 -39.06
C LEU A 258 12.64 9.63 -38.51
N LEU A 259 11.69 9.19 -37.69
CA LEU A 259 10.79 10.08 -36.97
C LEU A 259 11.42 10.35 -35.60
N LEU A 260 12.30 11.34 -35.55
CA LEU A 260 13.04 11.64 -34.34
C LEU A 260 12.15 12.33 -33.30
N MET A 261 12.40 12.03 -32.04
CA MET A 261 11.81 12.73 -30.91
C MET A 261 12.95 13.28 -30.07
N ALA A 262 12.89 14.56 -29.73
CA ALA A 262 14.01 15.21 -29.07
C ALA A 262 13.51 16.34 -28.18
N THR A 263 14.39 16.78 -27.28
CA THR A 263 14.12 17.87 -26.36
C THR A 263 14.60 19.19 -26.97
N PRO A 264 13.76 20.21 -27.08
CA PRO A 264 14.23 21.48 -27.64
C PRO A 264 15.21 22.19 -26.72
N LEU A 265 16.09 23.00 -27.32
CA LEU A 265 17.12 23.67 -26.56
C LEU A 265 16.53 24.68 -25.57
N GLU A 266 15.34 25.20 -25.85
CA GLU A 266 14.72 26.19 -24.98
C GLU A 266 14.15 25.55 -23.72
N ARG A 267 14.18 24.21 -23.64
CA ARG A 267 13.61 23.50 -22.50
C ARG A 267 14.62 22.53 -21.88
N ALA A 268 15.68 22.19 -22.63
CA ALA A 268 16.56 21.10 -22.23
C ALA A 268 17.16 21.33 -20.85
N GLN A 269 17.55 22.55 -20.54
CA GLN A 269 18.16 22.85 -19.25
C GLN A 269 17.15 22.67 -18.12
N LYS A 291 9.72 11.94 3.90
CA LYS A 291 10.19 11.85 2.52
C LYS A 291 9.01 11.66 1.57
N ASN A 292 9.21 12.01 0.30
CA ASN A 292 8.17 11.86 -0.71
C ASN A 292 7.97 10.40 -1.06
N CYS A 293 7.09 10.12 -2.02
CA CYS A 293 6.72 8.76 -2.38
C CYS A 293 7.95 7.90 -2.68
N CYS A 294 8.15 6.85 -1.89
CA CYS A 294 9.27 5.95 -2.09
C CYS A 294 8.93 4.61 -1.44
N VAL A 295 9.65 3.56 -1.84
CA VAL A 295 9.37 2.23 -1.32
C VAL A 295 9.86 2.14 0.12
N ARG A 296 8.99 1.67 1.00
CA ARG A 296 9.30 1.46 2.41
C ARG A 296 9.48 -0.02 2.67
N GLN A 297 10.33 -0.34 3.66
CA GLN A 297 10.65 -1.74 3.95
C GLN A 297 9.65 -2.33 4.93
N LEU A 298 9.24 -3.58 4.67
CA LEU A 298 8.31 -4.27 5.56
C LEU A 298 8.49 -5.77 5.35
N TYR A 299 9.08 -6.44 6.33
CA TYR A 299 9.24 -7.89 6.25
C TYR A 299 7.98 -8.59 6.74
N ILE A 300 7.60 -9.65 6.02
CA ILE A 300 6.41 -10.43 6.34
C ILE A 300 6.87 -11.79 6.84
N ASP A 301 6.54 -12.10 8.10
CA ASP A 301 6.81 -13.41 8.71
C ASP A 301 5.47 -14.10 8.88
N PHE A 302 5.23 -15.15 8.09
CA PHE A 302 3.93 -15.80 8.08
C PHE A 302 3.57 -16.32 9.46
N ARG A 303 4.52 -16.97 10.14
CA ARG A 303 4.27 -17.58 11.43
C ARG A 303 4.11 -16.55 12.54
N LYS A 304 4.70 -15.37 12.41
CA LYS A 304 4.70 -14.39 13.50
C LYS A 304 3.51 -13.42 13.40
N ASP A 305 3.42 -12.68 12.30
CA ASP A 305 2.43 -11.61 12.19
C ASP A 305 1.11 -12.07 11.57
N LEU A 306 1.13 -13.13 10.75
CA LEU A 306 -0.09 -13.72 10.24
C LEU A 306 -0.51 -14.96 11.00
N GLY A 307 0.45 -15.68 11.60
CA GLY A 307 0.14 -16.86 12.37
C GLY A 307 -0.10 -18.11 11.56
N TRP A 308 0.36 -18.16 10.31
CA TRP A 308 0.10 -19.28 9.42
C TRP A 308 1.16 -20.35 9.60
N LYS A 309 0.73 -21.57 9.91
CA LYS A 309 1.64 -22.70 10.00
C LYS A 309 1.76 -23.47 8.68
N TRP A 310 0.94 -23.13 7.69
CA TRP A 310 0.79 -24.00 6.52
C TRP A 310 1.70 -23.62 5.36
N ILE A 311 2.37 -22.48 5.41
CA ILE A 311 3.36 -22.12 4.41
C ILE A 311 4.71 -22.63 4.88
N HIS A 312 5.30 -23.57 4.13
CA HIS A 312 6.52 -24.24 4.55
C HIS A 312 7.77 -23.47 4.17
N GLU A 313 7.87 -23.04 2.91
CA GLU A 313 8.93 -22.14 2.48
C GLU A 313 8.29 -21.08 1.59
N PRO A 314 8.69 -19.80 1.73
CA PRO A 314 9.72 -19.25 2.61
C PRO A 314 9.22 -19.09 4.04
N LYS A 315 10.13 -18.96 5.02
CA LYS A 315 9.75 -18.66 6.39
C LYS A 315 9.50 -17.15 6.53
N GLY A 316 8.53 -16.68 5.75
CA GLY A 316 8.33 -15.26 5.57
C GLY A 316 9.11 -14.74 4.38
N TYR A 317 8.59 -13.68 3.77
CA TYR A 317 9.18 -13.12 2.56
C TYR A 317 9.30 -11.61 2.72
N HIS A 318 10.30 -11.05 2.04
CA HIS A 318 10.66 -9.64 2.23
C HIS A 318 9.80 -8.74 1.34
N ALA A 319 8.53 -8.62 1.74
CA ALA A 319 7.61 -7.74 1.05
C ALA A 319 8.01 -6.28 1.27
N ASN A 320 7.26 -5.35 0.68
CA ASN A 320 7.47 -3.93 0.92
C ASN A 320 6.14 -3.21 0.77
N PHE A 321 6.15 -1.92 1.07
CA PHE A 321 5.05 -1.02 0.74
C PHE A 321 5.68 0.32 0.38
N CYS A 322 4.84 1.31 0.09
CA CYS A 322 5.35 2.64 -0.19
C CYS A 322 4.35 3.68 0.26
N LEU A 323 4.86 4.88 0.51
CA LEU A 323 4.09 5.91 1.18
C LEU A 323 4.78 7.24 0.94
N GLY A 324 4.04 8.33 1.15
CA GLY A 324 4.57 9.66 1.01
C GLY A 324 3.71 10.52 0.11
N PRO A 325 3.72 11.84 0.33
CA PRO A 325 2.87 12.72 -0.48
C PRO A 325 3.36 12.81 -1.91
N CYS A 326 2.42 13.07 -2.82
CA CYS A 326 2.72 13.27 -4.24
C CYS A 326 2.25 14.65 -4.65
N PRO A 327 3.13 15.58 -5.02
CA PRO A 327 2.65 16.89 -5.48
C PRO A 327 1.87 16.77 -6.79
N TYR A 328 0.96 17.71 -6.99
CA TYR A 328 0.10 17.70 -8.16
C TYR A 328 0.91 17.86 -9.45
N TYR A 343 7.47 10.45 -11.63
CA TYR A 343 6.51 11.27 -12.35
C TYR A 343 6.60 11.07 -13.87
N ASN A 344 7.40 10.10 -14.30
CA ASN A 344 7.54 9.84 -15.72
C ASN A 344 6.21 9.42 -16.34
N GLN A 345 5.42 8.64 -15.61
CA GLN A 345 4.12 8.17 -16.06
C GLN A 345 2.97 8.89 -15.37
N HIS A 346 3.16 10.14 -14.99
CA HIS A 346 2.15 10.87 -14.23
C HIS A 346 1.02 11.34 -15.16
N ASN A 347 -0.20 11.33 -14.61
CA ASN A 347 -1.37 11.90 -15.27
C ASN A 347 -2.40 12.22 -14.19
N PRO A 348 -2.89 13.47 -14.07
CA PRO A 348 -3.81 13.80 -12.97
C PRO A 348 -5.20 13.19 -13.08
N GLY A 349 -5.43 12.29 -14.03
CA GLY A 349 -6.76 11.76 -14.26
C GLY A 349 -7.25 10.74 -13.25
N ALA A 350 -6.51 10.58 -12.15
CA ALA A 350 -6.95 9.64 -11.11
C ALA A 350 -8.09 10.22 -10.29
N SER A 351 -7.86 11.35 -9.63
CA SER A 351 -8.87 12.01 -8.79
C SER A 351 -8.36 13.41 -8.47
N ALA A 352 -9.04 14.09 -7.54
CA ALA A 352 -8.67 15.44 -7.18
C ALA A 352 -7.26 15.52 -6.61
N ALA A 353 -6.73 14.42 -6.08
CA ALA A 353 -5.37 14.36 -5.57
C ALA A 353 -4.69 13.10 -6.10
N PRO A 354 -3.37 13.13 -6.26
CA PRO A 354 -2.67 11.95 -6.79
C PRO A 354 -2.44 10.90 -5.72
N CYS A 355 -1.76 9.82 -6.14
CA CYS A 355 -1.51 8.66 -5.30
C CYS A 355 -0.08 8.18 -5.49
N CYS A 356 0.49 7.59 -4.44
CA CYS A 356 1.76 6.89 -4.53
C CYS A 356 1.50 5.40 -4.67
N VAL A 357 1.77 4.85 -5.85
CA VAL A 357 1.41 3.46 -6.15
C VAL A 357 2.60 2.73 -6.76
N PRO A 358 2.64 1.41 -6.61
CA PRO A 358 3.75 0.65 -7.20
C PRO A 358 3.80 0.73 -8.71
N GLN A 359 5.01 0.72 -9.26
CA GLN A 359 5.20 0.52 -10.69
C GLN A 359 5.71 -0.90 -10.93
N ALA A 360 6.72 -1.30 -10.16
CA ALA A 360 7.35 -2.60 -10.33
C ALA A 360 7.01 -3.50 -9.16
N LEU A 361 6.45 -4.67 -9.44
CA LEU A 361 6.15 -5.67 -8.43
C LEU A 361 6.69 -7.01 -8.90
N GLU A 362 7.18 -7.79 -7.95
CA GLU A 362 7.83 -9.06 -8.24
C GLU A 362 7.03 -10.22 -7.64
N PRO A 363 6.94 -11.36 -8.33
CA PRO A 363 6.15 -12.47 -7.78
C PRO A 363 6.85 -13.15 -6.62
N LEU A 364 6.07 -13.90 -5.85
CA LEU A 364 6.55 -14.65 -4.70
C LEU A 364 6.25 -16.13 -4.90
N PRO A 365 7.24 -17.00 -5.11
CA PRO A 365 6.95 -18.44 -5.09
C PRO A 365 6.88 -18.96 -3.66
N ILE A 366 5.89 -19.84 -3.42
CA ILE A 366 5.71 -20.48 -2.14
C ILE A 366 5.48 -21.97 -2.36
N VAL A 367 5.72 -22.75 -1.31
CA VAL A 367 5.42 -24.17 -1.30
C VAL A 367 4.61 -24.48 -0.04
N TYR A 368 3.58 -25.30 -0.19
CA TYR A 368 2.67 -25.61 0.90
C TYR A 368 2.03 -26.95 0.61
N TYR A 369 1.43 -27.53 1.65
CA TYR A 369 0.81 -28.84 1.57
C TYR A 369 -0.70 -28.70 1.50
N VAL A 370 -1.29 -29.24 0.43
CA VAL A 370 -2.73 -29.32 0.31
C VAL A 370 -3.15 -30.73 0.72
N GLY A 371 -3.41 -30.92 2.00
CA GLY A 371 -3.72 -32.25 2.49
C GLY A 371 -2.46 -33.06 2.68
N ARG A 372 -2.27 -34.05 1.80
CA ARG A 372 -1.17 -34.99 1.94
C ARG A 372 0.04 -34.63 1.09
N LYS A 373 -0.15 -33.95 -0.04
CA LYS A 373 0.92 -33.73 -1.02
C LYS A 373 1.33 -32.27 -1.09
N PRO A 374 2.59 -31.98 -1.41
CA PRO A 374 3.02 -30.58 -1.49
C PRO A 374 2.74 -29.96 -2.85
N LYS A 375 2.60 -28.64 -2.84
CA LYS A 375 2.32 -27.87 -4.05
C LYS A 375 3.15 -26.59 -4.04
N VAL A 376 3.76 -26.29 -5.18
CA VAL A 376 4.54 -25.06 -5.36
C VAL A 376 3.70 -24.11 -6.22
N GLU A 377 3.46 -22.92 -5.70
CA GLU A 377 2.67 -21.89 -6.38
C GLU A 377 3.49 -20.61 -6.47
N GLN A 378 3.18 -19.79 -7.46
CA GLN A 378 3.76 -18.47 -7.60
C GLN A 378 2.66 -17.42 -7.60
N LEU A 379 2.79 -16.44 -6.71
CA LEU A 379 1.82 -15.36 -6.59
C LEU A 379 2.41 -14.11 -7.22
N SER A 380 1.62 -13.44 -8.06
CA SER A 380 2.11 -12.29 -8.78
C SER A 380 1.82 -10.99 -8.03
N ASN A 381 2.65 -9.98 -8.30
CA ASN A 381 2.45 -8.64 -7.75
C ASN A 381 2.44 -8.65 -6.22
N MET A 382 3.41 -9.34 -5.63
CA MET A 382 3.50 -9.43 -4.18
C MET A 382 4.51 -8.45 -3.60
N ILE A 383 5.73 -8.45 -4.12
CA ILE A 383 6.85 -7.69 -3.55
C ILE A 383 6.91 -6.34 -4.26
N VAL A 384 6.80 -5.26 -3.49
CA VAL A 384 6.86 -3.91 -4.06
C VAL A 384 8.32 -3.50 -4.23
N ARG A 385 8.70 -3.09 -5.44
CA ARG A 385 10.06 -2.68 -5.74
C ARG A 385 10.21 -1.17 -5.84
N SER A 386 9.32 -0.50 -6.56
CA SER A 386 9.37 0.95 -6.68
C SER A 386 7.95 1.45 -6.95
N CYS A 387 7.73 2.74 -6.70
CA CYS A 387 6.39 3.32 -6.74
C CYS A 387 6.38 4.65 -7.49
N LYS A 388 5.26 4.92 -8.16
CA LYS A 388 5.06 6.14 -8.92
C LYS A 388 4.36 7.20 -8.08
N CYS A 389 4.13 8.35 -8.69
CA CYS A 389 3.16 9.33 -8.22
C CYS A 389 2.13 9.55 -9.32
N SER A 390 0.89 9.20 -9.05
CA SER A 390 -0.17 9.28 -10.07
C SER A 390 -1.49 9.75 -9.47
N LEU B 30 -29.32 4.44 7.65
CA LEU B 30 -27.86 4.30 7.39
C LEU B 30 -27.65 3.54 6.08
N SER B 31 -28.01 4.17 4.96
CA SER B 31 -27.94 3.54 3.66
C SER B 31 -26.65 3.93 2.94
N THR B 32 -26.17 3.03 2.08
CA THR B 32 -24.95 3.28 1.33
C THR B 32 -25.21 4.26 0.20
N CYS B 33 -24.18 5.00 -0.15
CA CYS B 33 -24.21 6.06 -1.14
C CYS B 33 -24.61 5.49 -2.51
N LYS B 34 -25.55 6.17 -3.18
CA LYS B 34 -26.19 5.58 -4.34
C LYS B 34 -25.48 5.89 -5.65
N THR B 35 -25.26 7.17 -5.96
CA THR B 35 -24.79 7.57 -7.27
C THR B 35 -23.63 8.54 -7.15
N ILE B 36 -22.96 8.78 -8.27
CA ILE B 36 -21.85 9.71 -8.38
C ILE B 36 -22.17 10.68 -9.50
N ASP B 37 -21.99 11.98 -9.22
CA ASP B 37 -22.30 13.04 -10.18
C ASP B 37 -21.06 13.29 -11.03
N MET B 38 -21.10 12.84 -12.28
CA MET B 38 -19.97 13.06 -13.18
C MET B 38 -19.89 14.51 -13.64
N GLU B 39 -20.98 15.26 -13.51
CA GLU B 39 -21.00 16.63 -14.02
C GLU B 39 -20.03 17.54 -13.26
N LEU B 40 -19.53 17.09 -12.12
CA LEU B 40 -18.51 17.84 -11.39
C LEU B 40 -17.11 17.29 -11.67
N VAL B 41 -16.99 15.96 -11.69
CA VAL B 41 -15.69 15.32 -11.85
C VAL B 41 -15.14 15.60 -13.25
N LYS B 42 -16.01 15.65 -14.26
CA LYS B 42 -15.55 15.93 -15.61
C LYS B 42 -14.89 17.31 -15.69
N ARG B 43 -15.53 18.32 -15.11
CA ARG B 43 -14.97 19.67 -15.13
C ARG B 43 -13.70 19.73 -14.29
N LYS B 44 -13.67 19.01 -13.17
CA LYS B 44 -12.46 18.96 -12.36
C LYS B 44 -11.32 18.29 -13.12
N ARG B 45 -11.64 17.38 -14.05
CA ARG B 45 -10.61 16.81 -14.92
C ARG B 45 -10.16 17.81 -15.97
N ILE B 46 -11.09 18.60 -16.51
CA ILE B 46 -10.71 19.67 -17.44
C ILE B 46 -9.69 20.60 -16.79
N GLU B 47 -9.96 20.96 -15.53
CA GLU B 47 -9.08 21.89 -14.83
C GLU B 47 -7.65 21.33 -14.74
N ALA B 48 -7.52 20.03 -14.43
CA ALA B 48 -6.20 19.44 -14.29
C ALA B 48 -5.53 19.19 -15.63
N ILE B 49 -6.30 18.82 -16.66
CA ILE B 49 -5.70 18.48 -17.94
C ILE B 49 -5.23 19.73 -18.66
N ARG B 50 -5.89 20.88 -18.45
CA ARG B 50 -5.35 22.13 -18.96
C ARG B 50 -3.95 22.36 -18.42
N GLY B 51 -3.79 22.24 -17.11
CA GLY B 51 -2.48 22.39 -16.50
C GLY B 51 -1.47 21.38 -16.99
N GLN B 52 -1.91 20.14 -17.22
CA GLN B 52 -0.99 19.13 -17.75
C GLN B 52 -0.52 19.51 -19.15
N ILE B 53 -1.43 20.00 -20.00
CA ILE B 53 -1.03 20.41 -21.34
C ILE B 53 -0.01 21.54 -21.25
N LEU B 54 -0.26 22.52 -20.39
CA LEU B 54 0.67 23.64 -20.27
C LEU B 54 2.02 23.17 -19.74
N SER B 55 2.02 22.26 -18.77
CA SER B 55 3.26 21.84 -18.13
C SER B 55 4.11 20.98 -19.06
N LYS B 56 3.46 20.09 -19.82
CA LYS B 56 4.20 19.17 -20.68
C LYS B 56 5.02 19.92 -21.73
N LEU B 57 4.58 21.12 -22.12
CA LEU B 57 5.27 21.93 -23.11
C LEU B 57 6.15 23.02 -22.47
N ARG B 58 6.28 23.03 -21.14
CA ARG B 58 7.07 24.04 -20.44
C ARG B 58 6.56 25.45 -20.75
N LEU B 59 5.24 25.60 -20.78
CA LEU B 59 4.59 26.89 -21.04
C LEU B 59 3.87 27.36 -19.78
N ALA B 60 4.16 28.58 -19.35
CA ALA B 60 3.45 29.15 -18.21
C ALA B 60 2.02 29.53 -18.57
N SER B 61 1.81 30.08 -19.76
CA SER B 61 0.49 30.48 -20.22
C SER B 61 0.42 30.21 -21.72
N PRO B 62 -0.78 30.01 -22.27
CA PRO B 62 -0.90 29.69 -23.69
C PRO B 62 -0.36 30.82 -24.55
N PRO B 63 0.26 30.50 -25.70
CA PRO B 63 0.82 31.55 -26.53
C PRO B 63 -0.25 32.34 -27.27
N SER B 64 0.16 33.49 -27.80
CA SER B 64 -0.74 34.35 -28.56
C SER B 64 -0.96 33.76 -29.95
N GLN B 65 -2.24 33.59 -30.33
CA GLN B 65 -2.56 32.97 -31.60
C GLN B 65 -2.77 34.00 -32.71
N GLY B 66 -3.09 35.25 -32.36
CA GLY B 66 -3.53 36.21 -33.34
C GLY B 66 -2.44 36.69 -34.28
N GLU B 67 -1.18 36.69 -33.85
CA GLU B 67 -0.12 37.29 -34.65
C GLU B 67 0.16 36.52 -35.93
N VAL B 68 0.21 35.19 -35.86
CA VAL B 68 0.46 34.40 -37.07
C VAL B 68 -0.71 34.58 -38.03
N PRO B 69 -0.48 34.84 -39.32
CA PRO B 69 -1.62 35.03 -40.24
C PRO B 69 -2.45 33.77 -40.35
N PRO B 70 -3.77 33.88 -40.50
CA PRO B 70 -4.59 32.67 -40.68
C PRO B 70 -4.21 31.94 -41.96
N GLY B 71 -4.34 30.62 -41.91
CA GLY B 71 -4.09 29.79 -43.06
C GLY B 71 -3.87 28.34 -42.70
N PRO B 72 -3.85 27.46 -43.69
CA PRO B 72 -3.60 26.04 -43.40
C PRO B 72 -2.19 25.80 -42.91
N LEU B 73 -2.04 24.74 -42.12
CA LEU B 73 -0.70 24.26 -41.78
C LEU B 73 -0.02 23.77 -43.05
N PRO B 74 1.26 24.05 -43.27
CA PRO B 74 1.90 23.65 -44.52
C PRO B 74 1.90 22.14 -44.70
N GLU B 75 1.93 21.71 -45.96
CA GLU B 75 1.67 20.32 -46.29
C GLU B 75 2.70 19.38 -45.66
N ALA B 76 3.98 19.78 -45.68
CA ALA B 76 5.01 18.93 -45.09
C ALA B 76 4.82 18.78 -43.59
N VAL B 77 4.47 19.89 -42.90
CA VAL B 77 4.24 19.82 -41.47
C VAL B 77 3.04 18.94 -41.17
N LEU B 78 1.98 19.03 -41.99
CA LEU B 78 0.82 18.16 -41.80
C LEU B 78 1.17 16.71 -42.04
N ALA B 79 2.04 16.43 -43.02
CA ALA B 79 2.50 15.06 -43.24
C ALA B 79 3.27 14.54 -42.03
N LEU B 80 4.12 15.37 -41.44
CA LEU B 80 4.82 14.97 -40.22
C LEU B 80 3.84 14.70 -39.09
N TYR B 81 2.85 15.58 -38.95
CA TYR B 81 1.86 15.41 -37.88
C TYR B 81 1.05 14.13 -38.07
N ASN B 82 0.74 13.78 -39.33
CA ASN B 82 0.05 12.53 -39.60
C ASN B 82 0.96 11.33 -39.40
N SER B 83 2.25 11.47 -39.68
CA SER B 83 3.18 10.38 -39.41
C SER B 83 3.25 10.06 -37.92
N THR B 84 3.28 11.10 -37.07
CA THR B 84 3.27 10.84 -35.64
C THR B 84 1.88 10.40 -35.16
N ARG B 85 0.82 10.90 -35.80
CA ARG B 85 -0.54 10.59 -35.38
C ARG B 85 -0.92 9.16 -35.74
N ASP B 86 -0.60 8.74 -36.97
CA ASP B 86 -1.11 7.48 -37.48
C ASP B 86 -0.51 6.30 -36.73
N ARG B 87 -1.22 5.18 -36.78
CA ARG B 87 -0.73 3.96 -36.17
C ARG B 87 0.35 3.32 -37.05
N VAL B 88 1.12 2.42 -36.46
CA VAL B 88 2.25 1.80 -37.13
C VAL B 88 2.31 0.33 -36.72
N ALA B 89 2.72 -0.51 -37.67
CA ALA B 89 2.85 -1.95 -37.42
C ALA B 89 1.53 -2.55 -36.96
N ALA B 101 -7.01 -15.41 -14.79
CA ALA B 101 -6.50 -14.06 -14.80
C ALA B 101 -5.05 -14.02 -14.30
N ASP B 102 -4.40 -12.87 -14.46
CA ASP B 102 -3.04 -12.69 -13.97
C ASP B 102 -2.98 -12.54 -12.46
N TYR B 103 -4.12 -12.38 -11.78
CA TYR B 103 -4.12 -12.18 -10.35
C TYR B 103 -3.98 -13.49 -9.59
N TYR B 104 -4.69 -14.52 -10.01
CA TYR B 104 -4.77 -15.74 -9.24
C TYR B 104 -3.49 -16.56 -9.35
N ALA B 105 -3.22 -17.35 -8.31
CA ALA B 105 -1.98 -18.10 -8.23
C ALA B 105 -1.90 -19.14 -9.34
N LYS B 106 -0.68 -19.42 -9.80
CA LYS B 106 -0.41 -20.42 -10.81
C LYS B 106 0.51 -21.48 -10.23
N GLU B 107 0.05 -22.73 -10.23
CA GLU B 107 0.89 -23.83 -9.80
C GLU B 107 2.06 -23.98 -10.77
N VAL B 108 3.28 -24.07 -10.23
CA VAL B 108 4.48 -24.21 -11.04
C VAL B 108 4.91 -25.67 -11.01
N THR B 109 5.35 -26.15 -12.19
CA THR B 109 5.90 -27.49 -12.32
C THR B 109 6.93 -27.46 -13.43
N ARG B 110 7.82 -28.44 -13.43
CA ARG B 110 8.93 -28.46 -14.37
C ARG B 110 9.12 -29.85 -14.95
N VAL B 111 9.39 -29.90 -16.25
CA VAL B 111 9.67 -31.14 -16.96
C VAL B 111 11.11 -31.07 -17.46
N LEU B 112 11.90 -32.09 -17.12
CA LEU B 112 13.31 -32.10 -17.47
C LEU B 112 13.51 -32.66 -18.87
N MET B 113 14.50 -32.12 -19.58
CA MET B 113 14.80 -32.57 -20.93
C MET B 113 15.14 -34.06 -20.91
N VAL B 114 14.79 -34.73 -22.01
CA VAL B 114 15.17 -36.13 -22.14
C VAL B 114 16.69 -36.24 -22.13
N GLU B 115 17.19 -37.43 -21.77
CA GLU B 115 18.61 -37.67 -21.82
C GLU B 115 19.10 -37.58 -23.26
N THR B 116 20.25 -36.93 -23.46
CA THR B 116 20.81 -36.79 -24.79
C THR B 116 21.26 -38.13 -25.37
N HIS B 117 21.33 -39.18 -24.55
CA HIS B 117 21.96 -40.43 -24.95
C HIS B 117 21.09 -41.28 -25.88
N ASN B 118 19.76 -41.14 -25.86
CA ASN B 118 18.91 -42.11 -26.55
C ASN B 118 17.98 -41.50 -27.61
N GLU B 119 17.25 -40.41 -27.30
CA GLU B 119 16.37 -39.83 -28.31
C GLU B 119 17.05 -38.79 -29.20
N ILE B 120 17.99 -38.03 -28.67
CA ILE B 120 18.45 -36.80 -29.33
C ILE B 120 19.62 -37.09 -30.26
N TYR B 121 20.60 -37.87 -29.80
CA TYR B 121 21.87 -37.97 -30.50
C TYR B 121 21.72 -38.62 -31.88
N ASP B 122 20.83 -39.59 -32.01
CA ASP B 122 20.86 -40.50 -33.15
C ASP B 122 20.58 -39.81 -34.48
N LYS B 123 19.87 -38.67 -34.49
CA LYS B 123 19.63 -37.94 -35.74
C LYS B 123 19.85 -36.44 -35.62
N PHE B 124 19.87 -35.89 -34.41
CA PHE B 124 20.08 -34.46 -34.18
C PHE B 124 21.15 -34.24 -33.11
N LYS B 125 22.31 -34.87 -33.31
CA LYS B 125 23.42 -34.69 -32.38
C LYS B 125 23.89 -33.24 -32.35
N GLN B 126 24.71 -32.94 -31.34
CA GLN B 126 25.27 -31.60 -31.18
C GLN B 126 26.29 -31.29 -32.27
N SER B 127 26.15 -30.13 -32.88
CA SER B 127 27.04 -29.67 -33.94
C SER B 127 27.83 -28.46 -33.43
N THR B 128 28.68 -27.91 -34.31
CA THR B 128 29.52 -26.78 -33.93
C THR B 128 28.69 -25.54 -33.66
N HIS B 129 27.50 -25.43 -34.26
CA HIS B 129 26.70 -24.23 -34.20
C HIS B 129 25.28 -24.45 -33.69
N SER B 130 24.92 -25.67 -33.29
CA SER B 130 23.54 -25.95 -32.92
C SER B 130 23.48 -26.97 -31.80
N ILE B 131 22.40 -26.89 -31.02
CA ILE B 131 22.03 -27.90 -30.03
C ILE B 131 20.54 -28.17 -30.19
N TYR B 132 20.11 -29.31 -29.66
CA TYR B 132 18.72 -29.76 -29.81
C TYR B 132 18.23 -30.27 -28.45
N MET B 133 17.26 -29.56 -27.89
CA MET B 133 16.65 -29.95 -26.61
C MET B 133 15.29 -30.58 -26.90
N PHE B 134 15.18 -31.88 -26.64
CA PHE B 134 13.95 -32.63 -26.87
C PHE B 134 13.27 -32.95 -25.56
N PHE B 135 11.94 -32.96 -25.58
CA PHE B 135 11.12 -33.15 -24.38
C PHE B 135 10.05 -34.19 -24.66
N ASN B 136 9.70 -34.95 -23.61
CA ASN B 136 8.68 -35.99 -23.72
C ASN B 136 7.31 -35.36 -23.51
N THR B 137 6.42 -35.56 -24.48
CA THR B 137 5.10 -34.91 -24.42
C THR B 137 4.17 -35.59 -23.44
N SER B 138 4.31 -36.90 -23.21
CA SER B 138 3.41 -37.59 -22.31
C SER B 138 3.51 -37.03 -20.90
N GLU B 139 4.73 -36.89 -20.39
CA GLU B 139 4.91 -36.26 -19.08
C GLU B 139 4.64 -34.76 -19.11
N LEU B 140 4.82 -34.11 -20.27
CA LEU B 140 4.46 -32.71 -20.40
C LEU B 140 2.96 -32.52 -20.18
N ARG B 141 2.15 -33.40 -20.78
CA ARG B 141 0.71 -33.39 -20.54
C ARG B 141 0.36 -33.86 -19.14
N GLU B 142 1.15 -34.75 -18.57
CA GLU B 142 0.95 -35.14 -17.17
C GLU B 142 1.09 -33.92 -16.26
N ALA B 143 2.07 -33.07 -16.52
CA ALA B 143 2.26 -31.87 -15.72
C ALA B 143 1.07 -30.93 -15.85
N VAL B 144 0.58 -30.73 -17.07
CA VAL B 144 -0.57 -29.87 -17.33
C VAL B 144 -1.64 -30.70 -18.04
N PRO B 145 -2.74 -31.08 -17.38
CA PRO B 145 -3.69 -32.02 -18.02
C PRO B 145 -4.52 -31.40 -19.14
N GLU B 146 -4.68 -30.09 -19.19
CA GLU B 146 -5.48 -29.43 -20.21
C GLU B 146 -4.70 -28.27 -20.80
N PRO B 147 -4.71 -28.10 -22.14
CA PRO B 147 -3.97 -26.99 -22.73
C PRO B 147 -4.49 -25.61 -22.35
N VAL B 148 -5.78 -25.49 -22.03
CA VAL B 148 -6.34 -24.19 -21.67
C VAL B 148 -5.77 -23.68 -20.36
N LEU B 149 -5.27 -24.58 -19.51
CA LEU B 149 -4.79 -24.18 -18.19
C LEU B 149 -3.43 -23.50 -18.23
N LEU B 150 -2.57 -23.92 -19.16
CA LEU B 150 -1.21 -23.38 -19.25
C LEU B 150 -1.22 -21.86 -19.37
N SER B 151 -0.53 -21.19 -18.45
CA SER B 151 -0.42 -19.74 -18.46
C SER B 151 0.94 -19.27 -18.96
N ARG B 152 2.00 -20.01 -18.65
CA ARG B 152 3.35 -19.61 -19.01
C ARG B 152 4.23 -20.85 -19.04
N ALA B 153 5.20 -20.85 -19.96
CA ALA B 153 6.15 -21.94 -20.07
C ALA B 153 7.50 -21.37 -20.46
N GLU B 154 8.45 -21.38 -19.53
CA GLU B 154 9.76 -20.80 -19.74
C GLU B 154 10.78 -21.92 -19.94
N LEU B 155 11.29 -22.06 -21.16
CA LEU B 155 12.43 -22.92 -21.39
C LEU B 155 13.66 -22.26 -20.77
N ARG B 156 14.40 -23.02 -19.95
CA ARG B 156 15.52 -22.49 -19.18
C ARG B 156 16.78 -23.28 -19.48
N LEU B 157 17.86 -22.56 -19.77
CA LEU B 157 19.17 -23.14 -20.05
C LEU B 157 20.20 -22.57 -19.09
N LEU B 158 21.27 -23.32 -18.86
CA LEU B 158 22.41 -22.88 -18.06
C LEU B 158 23.63 -22.84 -18.96
N ARG B 159 24.31 -21.69 -18.99
CA ARG B 159 25.41 -21.48 -19.93
C ARG B 159 26.74 -21.59 -19.20
N LEU B 160 27.65 -22.40 -19.74
CA LEU B 160 29.00 -22.52 -19.22
C LEU B 160 30.01 -21.61 -19.93
N LYS B 161 29.81 -21.35 -21.23
CA LYS B 161 30.65 -20.39 -21.94
C LYS B 161 30.52 -19.03 -21.27
N LEU B 162 31.66 -18.39 -21.00
CA LEU B 162 31.70 -17.22 -20.14
C LEU B 162 31.95 -15.97 -20.96
N LYS B 163 33.04 -15.89 -21.73
CA LYS B 163 33.59 -14.59 -22.11
C LYS B 163 33.39 -14.25 -23.58
N VAL B 164 33.16 -15.22 -24.45
CA VAL B 164 33.08 -14.95 -25.88
C VAL B 164 31.66 -14.55 -26.24
N GLU B 165 31.50 -13.34 -26.77
CA GLU B 165 30.19 -12.88 -27.23
C GLU B 165 29.71 -13.73 -28.40
N GLN B 166 28.42 -14.08 -28.36
CA GLN B 166 27.84 -14.88 -29.43
C GLN B 166 26.36 -14.57 -29.55
N HIS B 167 25.86 -14.64 -30.79
CA HIS B 167 24.45 -14.46 -31.10
C HIS B 167 23.85 -15.82 -31.38
N VAL B 168 22.80 -16.17 -30.63
CA VAL B 168 22.19 -17.50 -30.70
C VAL B 168 20.68 -17.32 -30.83
N GLU B 169 20.05 -18.30 -31.49
CA GLU B 169 18.63 -18.21 -31.80
C GLU B 169 17.96 -19.56 -31.61
N LEU B 170 16.66 -19.52 -31.37
CA LEU B 170 15.87 -20.68 -30.95
C LEU B 170 14.83 -21.00 -32.00
N TYR B 171 14.84 -22.26 -32.46
CA TYR B 171 13.85 -22.75 -33.43
C TYR B 171 13.03 -23.88 -32.83
N GLN B 172 11.79 -24.01 -33.27
CA GLN B 172 10.95 -25.14 -32.90
C GLN B 172 11.15 -26.29 -33.87
N LYS B 173 11.06 -27.52 -33.35
CA LYS B 173 10.83 -28.66 -34.23
C LYS B 173 9.41 -28.55 -34.77
N TYR B 174 9.27 -28.18 -36.04
CA TYR B 174 7.97 -27.85 -36.60
C TYR B 174 7.30 -29.02 -37.30
N SER B 175 8.07 -29.95 -37.84
CA SER B 175 7.52 -31.11 -38.53
C SER B 175 8.60 -32.20 -38.54
N ASN B 176 8.39 -33.24 -39.34
CA ASN B 176 9.38 -34.31 -39.44
C ASN B 176 10.73 -33.79 -39.91
N ASN B 177 10.74 -32.70 -40.69
CA ASN B 177 11.97 -32.16 -41.25
C ASN B 177 12.18 -30.70 -40.90
N SER B 178 11.11 -29.90 -40.95
CA SER B 178 11.25 -28.45 -40.92
C SER B 178 11.40 -27.93 -39.49
N TRP B 179 11.83 -26.67 -39.41
CA TRP B 179 11.95 -25.93 -38.16
C TRP B 179 11.35 -24.55 -38.32
N ARG B 180 10.90 -23.95 -37.22
CA ARG B 180 10.32 -22.62 -37.22
C ARG B 180 11.00 -21.78 -36.15
N TYR B 181 11.25 -20.50 -36.48
CA TYR B 181 11.99 -19.62 -35.59
C TYR B 181 11.09 -19.10 -34.48
N LEU B 182 11.57 -19.19 -33.23
CA LEU B 182 10.88 -18.59 -32.09
C LEU B 182 11.41 -17.20 -31.77
N SER B 183 12.69 -17.11 -31.43
CA SER B 183 13.27 -15.88 -30.89
C SER B 183 14.78 -16.04 -30.91
N ASN B 184 15.49 -14.96 -30.57
CA ASN B 184 16.93 -14.97 -30.49
C ASN B 184 17.37 -14.16 -29.27
N ARG B 185 18.64 -14.34 -28.91
CA ARG B 185 19.23 -13.67 -27.76
C ARG B 185 20.67 -13.32 -28.04
N LEU B 186 21.10 -12.16 -27.55
CA LEU B 186 22.50 -11.76 -27.59
C LEU B 186 23.13 -12.06 -26.24
N LEU B 187 24.14 -12.94 -26.24
CA LEU B 187 24.74 -13.42 -25.01
C LEU B 187 25.86 -12.46 -24.59
N ALA B 188 25.47 -11.47 -23.79
CA ALA B 188 26.45 -10.54 -23.25
C ALA B 188 27.42 -11.30 -22.36
N PRO B 189 28.74 -11.23 -22.61
CA PRO B 189 29.66 -12.06 -21.82
C PRO B 189 29.61 -11.75 -20.34
N SER B 190 29.77 -12.80 -19.53
CA SER B 190 29.92 -12.67 -18.09
C SER B 190 30.84 -13.78 -17.61
N ASP B 191 31.42 -13.58 -16.43
CA ASP B 191 32.47 -14.46 -15.93
C ASP B 191 31.95 -15.65 -15.12
N SER B 192 30.64 -15.80 -14.96
CA SER B 192 30.07 -16.86 -14.17
C SER B 192 28.92 -17.50 -14.94
N PRO B 193 28.59 -18.77 -14.64
CA PRO B 193 27.41 -19.38 -15.26
C PRO B 193 26.14 -18.62 -14.89
N GLU B 194 25.19 -18.63 -15.81
CA GLU B 194 23.94 -17.91 -15.63
C GLU B 194 22.82 -18.68 -16.32
N TRP B 195 21.59 -18.46 -15.87
CA TRP B 195 20.43 -19.12 -16.43
C TRP B 195 19.76 -18.23 -17.47
N LEU B 196 19.47 -18.81 -18.62
CA LEU B 196 18.71 -18.15 -19.69
C LEU B 196 17.25 -18.54 -19.57
N SER B 197 16.35 -17.63 -19.93
CA SER B 197 14.91 -17.88 -19.92
C SER B 197 14.32 -17.56 -21.28
N PHE B 198 13.79 -18.58 -21.95
CA PHE B 198 13.14 -18.43 -23.25
C PHE B 198 11.65 -18.70 -23.08
N ASP B 199 10.82 -17.73 -23.44
CA ASP B 199 9.38 -17.90 -23.34
C ASP B 199 8.88 -18.75 -24.50
N VAL B 200 8.30 -19.91 -24.18
CA VAL B 200 7.83 -20.88 -25.16
C VAL B 200 6.36 -21.25 -24.91
N THR B 201 5.57 -20.33 -24.38
CA THR B 201 4.20 -20.64 -23.97
C THR B 201 3.38 -21.19 -25.14
N GLY B 202 3.39 -20.47 -26.27
CA GLY B 202 2.59 -20.91 -27.40
C GLY B 202 3.03 -22.26 -27.94
N VAL B 203 4.34 -22.46 -28.06
CA VAL B 203 4.84 -23.73 -28.56
C VAL B 203 4.43 -24.86 -27.62
N VAL B 204 4.53 -24.64 -26.32
CA VAL B 204 4.22 -25.70 -25.37
C VAL B 204 2.72 -26.01 -25.38
N ARG B 205 1.89 -24.97 -25.50
CA ARG B 205 0.44 -25.22 -25.58
C ARG B 205 0.10 -26.00 -26.85
N GLN B 206 0.69 -25.61 -27.98
CA GLN B 206 0.50 -26.36 -29.22
C GLN B 206 0.97 -27.80 -29.04
N TRP B 207 2.03 -28.00 -28.26
CA TRP B 207 2.54 -29.34 -28.02
C TRP B 207 1.57 -30.17 -27.20
N LEU B 208 1.01 -29.57 -26.14
CA LEU B 208 0.02 -30.29 -25.33
C LEU B 208 -1.18 -30.69 -26.19
N SER B 209 -1.67 -29.76 -27.01
CA SER B 209 -2.92 -30.02 -27.75
C SER B 209 -2.71 -30.95 -28.94
N ARG B 210 -1.64 -30.75 -29.73
CA ARG B 210 -1.39 -31.54 -30.93
C ARG B 210 -0.09 -32.33 -30.93
N GLY B 211 0.74 -32.21 -29.90
CA GLY B 211 2.10 -32.74 -29.98
C GLY B 211 2.14 -34.26 -30.04
N GLY B 212 3.21 -34.77 -30.64
CA GLY B 212 3.46 -36.20 -30.67
C GLY B 212 4.25 -36.63 -29.45
N GLU B 213 4.84 -37.83 -29.54
CA GLU B 213 5.54 -38.40 -28.41
C GLU B 213 6.77 -37.58 -28.03
N ILE B 214 7.63 -37.27 -29.01
CA ILE B 214 8.87 -36.55 -28.78
C ILE B 214 8.90 -35.29 -29.62
N GLU B 215 9.36 -34.20 -29.01
CA GLU B 215 9.42 -32.89 -29.64
C GLU B 215 10.54 -32.10 -28.97
N GLY B 216 10.83 -30.92 -29.50
CA GLY B 216 11.90 -30.13 -28.92
C GLY B 216 12.14 -28.84 -29.67
N PHE B 217 13.19 -28.14 -29.23
CA PHE B 217 13.65 -26.91 -29.84
C PHE B 217 15.06 -27.11 -30.36
N ARG B 218 15.44 -26.28 -31.33
CA ARG B 218 16.85 -26.09 -31.67
C ARG B 218 17.29 -24.72 -31.17
N LEU B 219 18.44 -24.67 -30.50
CA LEU B 219 19.12 -23.42 -30.19
C LEU B 219 20.45 -23.43 -30.91
N SER B 220 20.62 -22.47 -31.83
CA SER B 220 21.75 -22.52 -32.76
C SER B 220 22.31 -21.13 -32.97
N ALA B 221 23.52 -21.09 -33.53
CA ALA B 221 24.23 -19.83 -33.71
C ALA B 221 23.64 -19.04 -34.87
N HIS B 222 23.60 -17.72 -34.70
CA HIS B 222 23.18 -16.83 -35.77
C HIS B 222 24.21 -16.80 -36.88
N CYS B 223 23.74 -16.84 -38.13
CA CYS B 223 24.59 -16.67 -39.29
C CYS B 223 23.78 -16.00 -40.38
N SER B 224 24.49 -15.37 -41.32
CA SER B 224 23.86 -14.54 -42.35
C SER B 224 24.06 -15.17 -43.72
N CYS B 225 23.30 -14.67 -44.70
CA CYS B 225 23.40 -15.18 -46.06
C CYS B 225 24.79 -14.96 -46.66
N ASP B 226 25.42 -13.83 -46.37
CA ASP B 226 26.75 -13.54 -46.90
C ASP B 226 27.86 -14.32 -46.19
N SER B 227 27.53 -15.04 -45.11
CA SER B 227 28.52 -15.83 -44.38
C SER B 227 27.92 -17.16 -43.94
N ASP B 235 29.12 -25.60 -24.40
CA ASP B 235 28.32 -24.39 -24.49
C ASP B 235 27.41 -24.27 -23.28
N ILE B 236 26.51 -25.24 -23.11
CA ILE B 236 25.59 -25.29 -21.98
C ILE B 236 25.66 -26.68 -21.35
N ASN B 237 25.07 -26.80 -20.17
CA ASN B 237 24.97 -28.10 -19.52
C ASN B 237 24.15 -29.05 -20.37
N GLY B 238 24.68 -30.27 -20.56
CA GLY B 238 24.05 -31.26 -21.41
C GLY B 238 24.49 -31.20 -22.86
N PHE B 239 25.22 -30.16 -23.26
CA PHE B 239 25.73 -30.04 -24.62
C PHE B 239 27.12 -29.42 -24.61
N MET B 253 21.17 -33.13 -14.52
CA MET B 253 22.48 -32.50 -14.53
C MET B 253 22.35 -31.01 -14.80
N ASN B 254 21.33 -30.39 -14.21
CA ASN B 254 20.97 -29.00 -14.50
C ASN B 254 20.66 -28.79 -15.98
N ARG B 255 20.31 -29.86 -16.69
CA ARG B 255 20.04 -29.76 -18.11
C ARG B 255 18.74 -28.97 -18.33
N PRO B 256 18.52 -28.47 -19.55
CA PRO B 256 17.37 -27.59 -19.78
C PRO B 256 16.05 -28.24 -19.42
N PHE B 257 15.12 -27.41 -18.95
CA PHE B 257 13.81 -27.87 -18.52
C PHE B 257 12.77 -26.79 -18.85
N LEU B 258 11.51 -27.21 -18.85
CA LEU B 258 10.39 -26.32 -19.11
C LEU B 258 9.66 -26.05 -17.80
N LEU B 259 9.78 -24.83 -17.28
CA LEU B 259 9.10 -24.45 -16.05
C LEU B 259 7.68 -24.04 -16.39
N LEU B 260 6.79 -25.02 -16.49
CA LEU B 260 5.39 -24.73 -16.77
C LEU B 260 4.73 -24.07 -15.57
N MET B 261 3.73 -23.23 -15.85
CA MET B 261 2.92 -22.59 -14.82
C MET B 261 1.49 -22.54 -15.32
N ALA B 262 0.60 -23.23 -14.61
CA ALA B 262 -0.77 -23.42 -15.07
C ALA B 262 -1.74 -23.24 -13.90
N THR B 263 -2.97 -22.89 -14.24
CA THR B 263 -4.03 -22.87 -13.25
C THR B 263 -4.36 -24.30 -12.83
N PRO B 264 -4.40 -24.62 -11.54
CA PRO B 264 -4.71 -26.00 -11.15
C PRO B 264 -6.10 -26.42 -11.62
N LEU B 265 -6.22 -27.70 -11.96
CA LEU B 265 -7.50 -28.23 -12.41
C LEU B 265 -8.56 -28.08 -11.34
N GLU B 266 -8.20 -28.29 -10.08
CA GLU B 266 -9.14 -28.10 -8.98
C GLU B 266 -9.55 -26.65 -8.80
N ARG B 267 -8.86 -25.70 -9.44
CA ARG B 267 -9.11 -24.28 -9.25
C ARG B 267 -9.42 -23.57 -10.57
N ALA B 268 -9.87 -24.30 -11.59
CA ALA B 268 -10.12 -23.70 -12.89
C ALA B 268 -11.26 -22.70 -12.91
N GLN B 269 -12.09 -22.67 -11.86
CA GLN B 269 -13.23 -21.76 -11.82
C GLN B 269 -13.42 -21.18 -10.42
N GLU B 290 -20.70 1.19 -11.95
CA GLU B 290 -20.38 2.61 -11.76
C GLU B 290 -19.71 2.86 -10.40
N LYS B 291 -19.61 1.83 -9.57
CA LYS B 291 -18.97 1.92 -8.27
C LYS B 291 -17.52 1.45 -8.30
N ASN B 292 -17.27 0.25 -8.82
CA ASN B 292 -15.90 -0.25 -8.92
C ASN B 292 -15.10 0.60 -9.91
N CYS B 293 -13.78 0.64 -9.69
CA CYS B 293 -12.91 1.48 -10.50
C CYS B 293 -13.00 1.10 -11.97
N CYS B 294 -13.21 2.10 -12.82
CA CYS B 294 -13.33 1.88 -14.25
C CYS B 294 -12.98 3.17 -14.98
N VAL B 295 -12.63 3.04 -16.26
CA VAL B 295 -12.35 4.19 -17.10
C VAL B 295 -13.67 4.75 -17.63
N ARG B 296 -13.88 6.05 -17.47
CA ARG B 296 -15.12 6.71 -17.84
C ARG B 296 -14.85 7.76 -18.90
N GLN B 297 -15.73 7.80 -19.90
CA GLN B 297 -15.45 8.55 -21.12
C GLN B 297 -15.48 10.06 -20.88
N LEU B 298 -14.55 10.76 -21.50
CA LEU B 298 -14.56 12.22 -21.57
C LEU B 298 -13.90 12.64 -22.87
N TYR B 299 -14.57 13.50 -23.63
CA TYR B 299 -14.04 14.07 -24.85
C TYR B 299 -13.83 15.57 -24.66
N ILE B 300 -12.64 16.05 -25.01
CA ILE B 300 -12.25 17.44 -24.83
C ILE B 300 -12.03 18.04 -26.21
N ASP B 301 -12.73 19.12 -26.50
CA ASP B 301 -12.49 19.93 -27.69
C ASP B 301 -11.77 21.20 -27.25
N PHE B 302 -10.59 21.45 -27.83
CA PHE B 302 -9.77 22.57 -27.36
C PHE B 302 -10.47 23.91 -27.59
N ARG B 303 -11.41 23.96 -28.53
CA ARG B 303 -12.01 25.25 -28.89
C ARG B 303 -13.04 25.72 -27.88
N LYS B 304 -13.81 24.81 -27.27
CA LYS B 304 -14.94 25.21 -26.43
C LYS B 304 -14.76 24.83 -24.98
N ASP B 305 -14.23 23.63 -24.70
CA ASP B 305 -14.04 23.24 -23.31
C ASP B 305 -12.89 24.01 -22.67
N LEU B 306 -11.77 24.17 -23.38
CA LEU B 306 -10.63 24.93 -22.88
C LEU B 306 -10.53 26.32 -23.50
N GLY B 307 -11.34 26.64 -24.51
CA GLY B 307 -11.29 27.94 -25.12
C GLY B 307 -9.97 28.28 -25.79
N TRP B 308 -9.38 27.33 -26.53
CA TRP B 308 -8.08 27.50 -27.15
C TRP B 308 -8.21 27.57 -28.66
N LYS B 309 -7.56 28.57 -29.26
CA LYS B 309 -7.35 28.61 -30.71
C LYS B 309 -5.90 28.39 -31.11
N TRP B 310 -4.96 28.56 -30.16
CA TRP B 310 -3.54 28.45 -30.50
C TRP B 310 -3.16 27.04 -30.91
N ILE B 311 -3.84 26.04 -30.38
CA ILE B 311 -3.61 24.65 -30.77
C ILE B 311 -4.47 24.37 -32.01
N HIS B 312 -3.81 23.97 -33.10
CA HIS B 312 -4.49 23.81 -34.38
C HIS B 312 -4.86 22.37 -34.69
N GLU B 313 -4.04 21.41 -34.23
CA GLU B 313 -4.28 20.01 -34.50
C GLU B 313 -3.87 19.19 -33.28
N PRO B 314 -4.70 18.21 -32.85
CA PRO B 314 -6.04 17.85 -33.31
C PRO B 314 -7.09 18.81 -32.77
N LYS B 315 -8.31 18.80 -33.30
CA LYS B 315 -9.36 19.65 -32.75
C LYS B 315 -9.67 19.29 -31.31
N GLY B 316 -9.71 18.00 -31.00
CA GLY B 316 -9.95 17.55 -29.64
C GLY B 316 -9.46 16.13 -29.47
N TYR B 317 -9.51 15.66 -28.23
CA TYR B 317 -9.07 14.31 -27.92
C TYR B 317 -9.81 13.80 -26.70
N HIS B 318 -9.82 12.48 -26.53
CA HIS B 318 -10.57 11.82 -25.48
C HIS B 318 -9.68 11.70 -24.24
N ALA B 319 -9.83 12.67 -23.33
CA ALA B 319 -9.13 12.65 -22.05
C ALA B 319 -10.00 11.96 -20.99
N ASN B 320 -10.39 10.73 -21.31
CA ASN B 320 -11.22 9.95 -20.40
C ASN B 320 -10.49 9.73 -19.07
N PHE B 321 -11.28 9.60 -18.01
CA PHE B 321 -10.77 9.68 -16.64
C PHE B 321 -11.19 8.44 -15.87
N CYS B 322 -10.46 8.18 -14.78
CA CYS B 322 -10.71 7.04 -13.91
C CYS B 322 -11.53 7.47 -12.71
N LEU B 323 -12.56 6.68 -12.39
CA LEU B 323 -13.37 6.90 -11.21
C LEU B 323 -13.92 5.57 -10.74
N GLY B 324 -14.47 5.59 -9.52
CA GLY B 324 -14.93 4.38 -8.86
C GLY B 324 -14.06 4.07 -7.66
N PRO B 325 -14.51 4.44 -6.45
CA PRO B 325 -13.62 4.31 -5.29
C PRO B 325 -13.35 2.85 -4.96
N CYS B 326 -12.08 2.55 -4.72
CA CYS B 326 -11.67 1.21 -4.32
C CYS B 326 -11.71 1.10 -2.81
N PRO B 327 -12.60 0.31 -2.21
CA PRO B 327 -12.60 0.17 -0.76
C PRO B 327 -11.58 -0.85 -0.29
N TYR B 328 -11.02 -0.61 0.89
CA TYR B 328 -10.12 -1.56 1.50
C TYR B 328 -10.94 -2.68 2.15
N ILE B 329 -10.66 -3.92 1.76
CA ILE B 329 -11.39 -5.08 2.26
C ILE B 329 -10.58 -5.68 3.40
N TRP B 330 -11.18 -5.72 4.58
CA TRP B 330 -10.50 -6.26 5.77
C TRP B 330 -10.50 -7.77 5.69
N SER B 331 -9.30 -8.36 5.62
CA SER B 331 -9.18 -9.78 5.38
C SER B 331 -9.52 -10.59 6.63
N LEU B 332 -9.66 -11.90 6.43
CA LEU B 332 -10.00 -12.83 7.51
C LEU B 332 -9.62 -14.22 7.05
N ASP B 333 -9.26 -15.08 8.01
CA ASP B 333 -8.74 -16.39 7.67
C ASP B 333 -9.76 -17.23 6.92
N THR B 334 -11.02 -17.20 7.35
CA THR B 334 -12.10 -17.95 6.72
C THR B 334 -12.97 -16.98 5.94
N GLN B 335 -13.01 -17.14 4.62
CA GLN B 335 -13.75 -16.25 3.74
C GLN B 335 -14.58 -17.07 2.76
N TYR B 336 -15.78 -16.58 2.47
CA TYR B 336 -16.66 -17.24 1.53
C TYR B 336 -16.13 -17.09 0.12
N SER B 337 -16.31 -18.14 -0.70
CA SER B 337 -15.61 -18.22 -1.98
C SER B 337 -15.97 -17.08 -2.92
N LYS B 338 -17.25 -16.73 -3.01
CA LYS B 338 -17.64 -15.63 -3.89
C LYS B 338 -17.18 -14.27 -3.36
N VAL B 339 -16.70 -14.19 -2.12
CA VAL B 339 -16.17 -12.95 -1.58
C VAL B 339 -14.66 -12.87 -1.76
N LEU B 340 -13.98 -14.01 -1.93
CA LEU B 340 -12.56 -13.99 -2.24
C LEU B 340 -12.27 -13.37 -3.59
N ALA B 341 -13.27 -13.25 -4.46
CA ALA B 341 -13.09 -12.60 -5.75
C ALA B 341 -13.22 -11.08 -5.67
N LEU B 342 -13.61 -10.54 -4.51
CA LEU B 342 -13.73 -9.10 -4.37
C LEU B 342 -12.37 -8.42 -4.28
N TYR B 343 -11.35 -9.14 -3.82
CA TYR B 343 -10.02 -8.54 -3.71
C TYR B 343 -9.42 -8.24 -5.08
N ASN B 344 -9.67 -9.11 -6.06
CA ASN B 344 -9.07 -8.97 -7.37
C ASN B 344 -9.54 -7.70 -8.10
N GLN B 345 -10.62 -7.08 -7.65
CA GLN B 345 -11.15 -5.89 -8.30
C GLN B 345 -11.23 -4.68 -7.38
N HIS B 346 -10.81 -4.79 -6.12
CA HIS B 346 -10.84 -3.66 -5.19
C HIS B 346 -9.49 -3.44 -4.53
N ASN B 347 -8.64 -4.48 -4.49
CA ASN B 347 -7.31 -4.34 -3.93
C ASN B 347 -6.39 -5.43 -4.43
N PRO B 348 -6.10 -5.48 -5.74
CA PRO B 348 -5.22 -6.54 -6.25
C PRO B 348 -3.81 -6.49 -5.68
N GLY B 349 -3.31 -5.30 -5.34
CA GLY B 349 -1.96 -5.12 -4.88
C GLY B 349 -1.75 -5.19 -3.39
N ALA B 350 -2.81 -5.46 -2.62
CA ALA B 350 -2.72 -5.54 -1.16
C ALA B 350 -2.17 -4.25 -0.57
N SER B 351 -2.61 -3.13 -1.14
CA SER B 351 -2.19 -1.82 -0.64
C SER B 351 -2.87 -1.51 0.68
N ALA B 352 -2.23 -0.63 1.46
CA ALA B 352 -2.83 -0.16 2.69
C ALA B 352 -3.92 0.88 2.43
N ALA B 353 -3.93 1.48 1.25
CA ALA B 353 -4.93 2.48 0.89
C ALA B 353 -5.12 2.50 -0.62
N PRO B 354 -6.01 1.67 -1.17
CA PRO B 354 -6.14 1.63 -2.63
C PRO B 354 -6.92 2.82 -3.18
N CYS B 355 -6.54 3.25 -4.37
CA CYS B 355 -7.21 4.33 -5.08
C CYS B 355 -7.27 3.99 -6.57
N CYS B 356 -8.32 4.48 -7.23
CA CYS B 356 -8.54 4.20 -8.65
C CYS B 356 -7.66 5.11 -9.48
N VAL B 357 -6.64 4.54 -10.13
CA VAL B 357 -5.63 5.31 -10.85
C VAL B 357 -5.49 4.76 -12.27
N PRO B 358 -5.03 5.56 -13.24
CA PRO B 358 -4.81 5.03 -14.60
C PRO B 358 -3.79 3.90 -14.58
N GLN B 359 -4.02 2.90 -15.43
CA GLN B 359 -3.10 1.79 -15.61
C GLN B 359 -2.32 1.90 -16.91
N ALA B 360 -3.00 2.20 -18.02
CA ALA B 360 -2.39 2.29 -19.33
C ALA B 360 -2.72 3.63 -19.97
N LEU B 361 -1.72 4.25 -20.60
CA LEU B 361 -1.89 5.53 -21.26
C LEU B 361 -1.04 5.56 -22.53
N GLU B 362 -1.44 6.43 -23.45
CA GLU B 362 -0.74 6.59 -24.73
C GLU B 362 -0.68 8.07 -25.07
N PRO B 363 0.24 8.48 -25.94
CA PRO B 363 0.51 9.91 -26.12
C PRO B 363 -0.53 10.61 -26.99
N LEU B 364 -0.39 11.95 -27.02
CA LEU B 364 -1.20 12.81 -27.87
C LEU B 364 -0.28 13.72 -28.67
N PRO B 365 -0.10 13.52 -29.99
CA PRO B 365 0.66 14.48 -30.77
C PRO B 365 -0.19 15.69 -31.16
N ILE B 366 0.48 16.84 -31.25
CA ILE B 366 -0.19 18.11 -31.51
C ILE B 366 0.63 18.96 -32.48
N VAL B 367 -0.02 19.97 -33.03
CA VAL B 367 0.62 21.01 -33.83
C VAL B 367 0.17 22.36 -33.31
N TYR B 368 1.11 23.28 -33.12
CA TYR B 368 0.79 24.60 -32.56
C TYR B 368 1.84 25.59 -33.05
N TYR B 369 1.51 26.86 -32.91
CA TYR B 369 2.34 27.96 -33.39
C TYR B 369 2.94 28.73 -32.22
N VAL B 370 4.27 28.79 -32.18
CA VAL B 370 5.00 29.71 -31.34
C VAL B 370 6.03 30.40 -32.21
N GLY B 371 6.05 31.73 -32.15
CA GLY B 371 6.85 32.48 -33.11
C GLY B 371 6.14 32.52 -34.44
N ARG B 372 6.80 32.00 -35.49
CA ARG B 372 6.19 31.94 -36.81
C ARG B 372 6.52 30.65 -37.55
N LYS B 373 6.72 29.55 -36.84
CA LYS B 373 6.99 28.25 -37.46
C LYS B 373 6.19 27.20 -36.69
N PRO B 374 5.45 26.32 -37.38
CA PRO B 374 4.68 25.31 -36.64
C PRO B 374 5.59 24.32 -35.95
N LYS B 375 5.11 23.76 -34.84
CA LYS B 375 5.86 22.82 -34.03
C LYS B 375 5.05 21.56 -33.82
N VAL B 376 5.60 20.43 -34.25
CA VAL B 376 4.97 19.12 -34.09
C VAL B 376 5.59 18.47 -32.87
N GLU B 377 4.76 18.23 -31.85
CA GLU B 377 5.23 17.75 -30.55
C GLU B 377 4.37 16.59 -30.09
N GLN B 378 4.98 15.68 -29.33
CA GLN B 378 4.30 14.50 -28.80
C GLN B 378 4.24 14.63 -27.27
N LEU B 379 3.03 14.63 -26.73
CA LEU B 379 2.80 14.70 -25.29
C LEU B 379 2.45 13.31 -24.80
N SER B 380 3.21 12.80 -23.85
CA SER B 380 3.13 11.40 -23.47
C SER B 380 2.17 11.19 -22.30
N ASN B 381 1.55 10.01 -22.28
CA ASN B 381 0.66 9.58 -21.20
C ASN B 381 -0.46 10.60 -20.98
N MET B 382 -1.28 10.73 -22.02
CA MET B 382 -2.41 11.66 -22.03
C MET B 382 -3.75 10.95 -22.05
N ILE B 383 -3.91 9.94 -22.90
CA ILE B 383 -5.16 9.19 -22.98
C ILE B 383 -5.18 8.14 -21.88
N VAL B 384 -6.37 7.75 -21.45
CA VAL B 384 -6.55 6.69 -20.46
C VAL B 384 -7.31 5.55 -21.11
N ARG B 385 -6.73 4.35 -21.08
CA ARG B 385 -7.36 3.16 -21.64
C ARG B 385 -7.80 2.16 -20.59
N SER B 386 -7.17 2.16 -19.41
CA SER B 386 -7.54 1.23 -18.35
C SER B 386 -7.32 1.92 -17.02
N CYS B 387 -8.03 1.43 -16.00
CA CYS B 387 -7.88 1.89 -14.63
C CYS B 387 -7.77 0.70 -13.71
N LYS B 388 -7.04 0.88 -12.60
CA LYS B 388 -6.81 -0.19 -11.64
C LYS B 388 -6.75 0.41 -10.25
N CYS B 389 -7.07 -0.42 -9.26
CA CYS B 389 -7.02 -0.01 -7.86
C CYS B 389 -5.58 -0.08 -7.37
N SER B 390 -4.98 1.08 -7.13
CA SER B 390 -3.57 1.17 -6.75
C SER B 390 -2.68 0.54 -7.82
N CYS C 7 -18.49 -36.65 30.04
CA CYS C 7 -18.53 -35.17 30.22
C CYS C 7 -18.64 -34.81 31.70
N LYS C 8 -18.03 -33.69 32.07
CA LYS C 8 -18.12 -33.22 33.45
C LYS C 8 -19.58 -32.90 33.80
N MET C 9 -19.93 -33.12 35.06
CA MET C 9 -21.31 -33.00 35.52
C MET C 9 -21.38 -32.04 36.70
N VAL C 10 -22.33 -31.10 36.60
CA VAL C 10 -22.68 -30.21 37.70
C VAL C 10 -24.20 -30.19 37.77
N ASP C 11 -24.73 -29.75 38.92
CA ASP C 11 -26.17 -29.77 39.15
C ASP C 11 -26.92 -29.07 38.03
N LYS C 12 -27.70 -29.83 37.27
CA LYS C 12 -28.49 -29.34 36.14
C LYS C 12 -27.64 -28.69 35.05
N LYS C 13 -26.34 -29.00 34.99
CA LYS C 13 -25.45 -28.43 33.98
C LYS C 13 -24.43 -29.47 33.56
N VAL C 14 -24.27 -29.63 32.25
CA VAL C 14 -23.29 -30.54 31.67
C VAL C 14 -22.28 -29.71 30.90
N SER C 15 -20.99 -30.01 31.09
CA SER C 15 -19.90 -29.29 30.43
C SER C 15 -18.97 -30.33 29.78
N CYS C 16 -19.29 -30.70 28.55
CA CYS C 16 -18.42 -31.60 27.80
C CYS C 16 -17.13 -30.89 27.46
N GLN C 17 -16.02 -31.63 27.49
CA GLN C 17 -14.70 -31.02 27.37
C GLN C 17 -14.48 -30.52 25.94
N VAL C 18 -13.27 -30.01 25.70
CA VAL C 18 -12.96 -29.38 24.42
C VAL C 18 -13.03 -30.38 23.28
N LEU C 19 -12.51 -31.60 23.48
CA LEU C 19 -12.41 -32.58 22.40
C LEU C 19 -12.75 -33.97 22.94
N GLY C 20 -13.26 -34.81 22.05
CA GLY C 20 -13.53 -36.19 22.37
C GLY C 20 -14.86 -36.72 21.84
N LEU C 21 -15.71 -35.83 21.34
CA LEU C 21 -17.05 -36.18 20.89
C LEU C 21 -17.24 -35.85 19.42
N LEU C 22 -17.94 -36.75 18.71
CA LEU C 22 -18.25 -36.57 17.30
C LEU C 22 -19.72 -36.25 17.05
N GLN C 23 -20.62 -36.63 17.95
CA GLN C 23 -22.03 -36.32 17.85
C GLN C 23 -22.54 -35.84 19.19
N VAL C 24 -23.76 -35.32 19.21
CA VAL C 24 -24.36 -34.83 20.44
C VAL C 24 -24.61 -36.04 21.34
N PRO C 25 -24.09 -36.06 22.57
CA PRO C 25 -24.23 -37.29 23.38
C PRO C 25 -25.67 -37.59 23.73
N SER C 26 -25.99 -38.87 23.79
CA SER C 26 -27.32 -39.34 24.16
C SER C 26 -27.40 -39.85 25.59
N VAL C 27 -26.31 -39.78 26.36
CA VAL C 27 -26.27 -40.35 27.70
C VAL C 27 -26.42 -39.30 28.79
N LEU C 28 -26.69 -38.04 28.45
CA LEU C 28 -26.82 -37.01 29.46
C LEU C 28 -28.20 -37.08 30.12
N PRO C 29 -28.35 -36.53 31.32
CA PRO C 29 -29.67 -36.52 31.97
C PRO C 29 -30.67 -35.72 31.15
N PRO C 30 -31.94 -36.15 31.08
CA PRO C 30 -32.95 -35.29 30.46
C PRO C 30 -33.19 -34.00 31.21
N ASP C 31 -32.79 -33.91 32.48
CA ASP C 31 -32.98 -32.72 33.28
C ASP C 31 -31.91 -31.65 33.04
N THR C 32 -31.01 -31.87 32.08
CA THR C 32 -29.94 -30.92 31.82
C THR C 32 -30.52 -29.56 31.46
N GLU C 33 -30.00 -28.52 32.09
CA GLU C 33 -30.44 -27.14 31.83
C GLU C 33 -29.41 -26.32 31.08
N THR C 34 -28.13 -26.65 31.22
CA THR C 34 -27.05 -26.00 30.48
C THR C 34 -26.14 -27.07 29.90
N LEU C 35 -25.78 -26.91 28.62
CA LEU C 35 -24.94 -27.87 27.91
C LEU C 35 -23.85 -27.10 27.18
N ASP C 36 -22.59 -27.48 27.40
CA ASP C 36 -21.46 -26.92 26.71
C ASP C 36 -20.77 -28.01 25.91
N LEU C 37 -20.64 -27.81 24.60
CA LEU C 37 -20.03 -28.78 23.70
C LEU C 37 -18.96 -28.13 22.81
N SER C 38 -18.48 -26.95 23.18
CA SER C 38 -17.65 -26.15 22.28
C SER C 38 -16.30 -26.83 22.02
N GLY C 39 -15.73 -26.53 20.86
CA GLY C 39 -14.42 -27.02 20.49
C GLY C 39 -14.39 -28.42 19.94
N ASN C 40 -15.55 -29.06 19.77
CA ASN C 40 -15.60 -30.48 19.47
C ASN C 40 -15.68 -30.70 17.95
N GLN C 41 -15.65 -31.97 17.54
CA GLN C 41 -15.70 -32.35 16.14
C GLN C 41 -17.12 -32.59 15.65
N LEU C 42 -18.13 -32.01 16.31
CA LEU C 42 -19.51 -32.19 15.90
C LEU C 42 -19.73 -31.63 14.50
N ARG C 43 -19.98 -32.51 13.53
CA ARG C 43 -20.15 -32.10 12.14
C ARG C 43 -21.59 -31.86 11.74
N SER C 44 -22.54 -32.06 12.64
CA SER C 44 -23.95 -31.84 12.34
C SER C 44 -24.75 -31.88 13.63
N ILE C 45 -25.96 -31.36 13.58
CA ILE C 45 -26.89 -31.37 14.71
C ILE C 45 -28.17 -32.01 14.22
N LEU C 46 -28.27 -33.32 14.40
CA LEU C 46 -29.52 -34.03 14.14
C LEU C 46 -30.45 -33.83 15.32
N ALA C 47 -31.75 -33.73 15.02
CA ALA C 47 -32.71 -33.39 16.06
C ALA C 47 -32.90 -34.52 17.07
N SER C 48 -32.66 -35.77 16.65
CA SER C 48 -33.01 -36.90 17.51
C SER C 48 -32.23 -36.91 18.82
N PRO C 49 -30.89 -36.82 18.83
CA PRO C 49 -30.20 -36.85 20.13
C PRO C 49 -30.42 -35.59 20.95
N LEU C 50 -30.51 -34.43 20.31
CA LEU C 50 -30.58 -33.18 21.05
C LEU C 50 -31.98 -32.96 21.64
N GLY C 51 -33.01 -33.48 21.00
CA GLY C 51 -34.38 -33.23 21.43
C GLY C 51 -34.72 -33.80 22.79
N PHE C 52 -33.94 -34.78 23.28
CA PHE C 52 -34.22 -35.34 24.59
C PHE C 52 -34.11 -34.28 25.68
N TYR C 53 -33.23 -33.31 25.51
CA TYR C 53 -32.92 -32.32 26.54
C TYR C 53 -33.78 -31.06 26.37
N THR C 54 -35.10 -31.23 26.52
CA THR C 54 -36.01 -30.10 26.36
C THR C 54 -35.83 -29.04 27.44
N ALA C 55 -35.13 -29.36 28.53
CA ALA C 55 -34.91 -28.41 29.60
C ALA C 55 -33.73 -27.47 29.32
N LEU C 56 -33.05 -27.61 28.19
CA LEU C 56 -31.91 -26.78 27.87
C LEU C 56 -32.30 -25.30 27.85
N ARG C 57 -31.49 -24.47 28.52
CA ARG C 57 -31.61 -23.02 28.47
C ARG C 57 -30.43 -22.36 27.77
N HIS C 58 -29.24 -22.94 27.91
CA HIS C 58 -28.05 -22.48 27.23
C HIS C 58 -27.41 -23.67 26.52
N LEU C 59 -26.94 -23.44 25.30
CA LEU C 59 -26.33 -24.49 24.48
C LEU C 59 -25.18 -23.86 23.71
N ASP C 60 -23.95 -24.16 24.11
CA ASP C 60 -22.75 -23.61 23.49
C ASP C 60 -22.17 -24.66 22.54
N LEU C 61 -22.52 -24.55 21.27
CA LEU C 61 -21.94 -25.38 20.21
C LEU C 61 -20.79 -24.68 19.50
N SER C 62 -20.17 -23.71 20.14
CA SER C 62 -19.21 -22.84 19.47
C SER C 62 -17.98 -23.61 19.00
N THR C 63 -17.44 -23.18 17.86
CA THR C 63 -16.13 -23.65 17.38
C THR C 63 -16.18 -25.14 17.01
N ASN C 64 -17.37 -25.67 16.77
CA ASN C 64 -17.52 -27.04 16.30
C ASN C 64 -17.35 -27.07 14.79
N GLU C 65 -17.41 -28.26 14.20
CA GLU C 65 -17.37 -28.45 12.76
C GLU C 65 -18.77 -28.54 12.15
N ILE C 66 -19.78 -28.04 12.85
CA ILE C 66 -21.18 -28.22 12.46
C ILE C 66 -21.38 -27.56 11.09
N SER C 67 -22.00 -28.31 10.17
CA SER C 67 -22.34 -27.82 8.84
C SER C 67 -23.84 -27.93 8.57
N PHE C 68 -24.45 -29.02 9.01
CA PHE C 68 -25.84 -29.34 8.70
C PHE C 68 -26.62 -29.27 10.00
N LEU C 69 -27.61 -28.38 10.06
CA LEU C 69 -28.57 -28.33 11.16
C LEU C 69 -29.89 -28.88 10.66
N GLN C 70 -30.38 -29.94 11.30
CA GLN C 70 -31.64 -30.54 10.89
C GLN C 70 -32.78 -29.58 11.23
N PRO C 71 -33.67 -29.26 10.28
CA PRO C 71 -34.75 -28.32 10.59
C PRO C 71 -35.63 -28.83 11.72
N GLY C 72 -36.08 -27.91 12.57
CA GLY C 72 -36.84 -28.25 13.74
C GLY C 72 -36.02 -28.73 14.92
N ALA C 73 -34.69 -28.78 14.78
CA ALA C 73 -33.85 -29.23 15.88
C ALA C 73 -33.93 -28.25 17.05
N PHE C 74 -33.76 -26.95 16.77
CA PHE C 74 -33.83 -25.93 17.80
C PHE C 74 -35.24 -25.41 18.05
N GLN C 75 -36.24 -25.92 17.32
CA GLN C 75 -37.63 -25.56 17.63
C GLN C 75 -38.14 -26.34 18.84
N ALA C 76 -37.70 -27.59 19.02
CA ALA C 76 -38.23 -28.42 20.10
C ALA C 76 -37.84 -27.91 21.47
N LEU C 77 -36.62 -27.38 21.62
CA LEU C 77 -36.16 -26.81 22.88
C LEU C 77 -36.84 -25.46 23.11
N THR C 78 -38.05 -25.55 23.67
CA THR C 78 -38.86 -24.37 23.91
C THR C 78 -38.25 -23.42 24.94
N HIS C 79 -37.43 -23.94 25.85
CA HIS C 79 -36.84 -23.14 26.92
C HIS C 79 -35.44 -22.64 26.61
N LEU C 80 -34.93 -22.90 25.40
CA LEU C 80 -33.60 -22.42 25.04
C LEU C 80 -33.57 -20.90 25.10
N GLU C 81 -32.54 -20.35 25.74
CA GLU C 81 -32.38 -18.91 25.88
C GLU C 81 -31.15 -18.36 25.17
N HIS C 82 -30.09 -19.15 25.05
CA HIS C 82 -28.85 -18.70 24.43
C HIS C 82 -28.28 -19.84 23.60
N LEU C 83 -28.16 -19.63 22.29
CA LEU C 83 -27.53 -20.56 21.38
C LEU C 83 -26.28 -19.91 20.81
N SER C 84 -25.17 -20.64 20.85
CA SER C 84 -23.90 -20.15 20.33
C SER C 84 -23.38 -21.15 19.30
N LEU C 85 -23.39 -20.74 18.03
CA LEU C 85 -22.88 -21.55 16.93
C LEU C 85 -21.66 -20.90 16.30
N ALA C 86 -20.89 -20.14 17.08
CA ALA C 86 -19.80 -19.35 16.54
C ALA C 86 -18.73 -20.24 15.92
N HIS C 87 -18.14 -19.74 14.83
CA HIS C 87 -16.97 -20.36 14.19
C HIS C 87 -17.27 -21.77 13.69
N ASN C 88 -18.53 -22.10 13.43
CA ASN C 88 -18.88 -23.37 12.81
C ASN C 88 -18.77 -23.22 11.29
N ARG C 89 -19.25 -24.22 10.55
CA ARG C 89 -19.19 -24.23 9.10
C ARG C 89 -20.60 -24.18 8.50
N LEU C 90 -21.45 -23.31 9.04
CA LEU C 90 -22.83 -23.23 8.58
C LEU C 90 -22.93 -22.82 7.12
N ALA C 91 -22.08 -21.89 6.67
CA ALA C 91 -22.18 -21.35 5.33
C ALA C 91 -21.91 -22.40 4.25
N MET C 92 -21.34 -23.54 4.62
CA MET C 92 -21.13 -24.63 3.67
C MET C 92 -22.31 -25.58 3.59
N ALA C 93 -23.40 -25.30 4.31
CA ALA C 93 -24.59 -26.13 4.27
C ALA C 93 -25.15 -26.22 2.85
N SER C 97 -29.62 -26.80 4.48
CA SER C 97 -30.49 -26.73 5.63
C SER C 97 -31.31 -25.44 5.62
N ALA C 98 -32.17 -25.30 4.62
CA ALA C 98 -33.06 -24.15 4.56
C ALA C 98 -33.91 -24.10 5.82
N GLY C 99 -33.96 -22.94 6.46
CA GLY C 99 -34.57 -22.86 7.77
C GLY C 99 -33.89 -23.73 8.79
N GLY C 100 -32.56 -23.82 8.74
CA GLY C 100 -31.84 -24.66 9.69
C GLY C 100 -32.13 -24.27 11.12
N LEU C 101 -32.07 -22.98 11.42
CA LEU C 101 -32.60 -22.46 12.67
C LEU C 101 -34.09 -22.19 12.50
N GLY C 102 -34.92 -23.04 13.10
CA GLY C 102 -36.35 -22.86 13.04
C GLY C 102 -36.76 -21.64 13.86
N PRO C 103 -38.05 -21.49 14.12
CA PRO C 103 -38.47 -20.41 15.02
C PRO C 103 -37.85 -20.59 16.41
N LEU C 104 -37.49 -19.46 17.01
CA LEU C 104 -36.77 -19.43 18.29
C LEU C 104 -37.54 -18.54 19.26
N PRO C 105 -38.64 -19.04 19.81
CA PRO C 105 -39.51 -18.18 20.63
C PRO C 105 -38.83 -17.55 21.83
N ARG C 106 -37.93 -18.28 22.50
CA ARG C 106 -37.39 -17.86 23.78
C ARG C 106 -35.88 -17.60 23.74
N VAL C 107 -35.26 -17.59 22.57
CA VAL C 107 -33.82 -17.36 22.48
C VAL C 107 -33.56 -15.87 22.62
N THR C 108 -32.81 -15.48 23.66
CA THR C 108 -32.49 -14.07 23.88
C THR C 108 -31.18 -13.68 23.21
N SER C 109 -30.27 -14.63 23.01
CA SER C 109 -28.97 -14.36 22.41
C SER C 109 -28.67 -15.43 21.38
N LEU C 110 -28.09 -15.02 20.25
CA LEU C 110 -27.70 -15.93 19.19
C LEU C 110 -26.40 -15.43 18.59
N ASP C 111 -25.36 -16.26 18.66
CA ASP C 111 -24.04 -15.91 18.16
C ASP C 111 -23.74 -16.77 16.94
N LEU C 112 -23.54 -16.12 15.79
CA LEU C 112 -23.23 -16.80 14.54
C LEU C 112 -21.92 -16.32 13.94
N SER C 113 -21.12 -15.57 14.68
CA SER C 113 -19.89 -15.01 14.14
C SER C 113 -18.89 -16.11 13.80
N GLY C 114 -18.09 -15.86 12.76
CA GLY C 114 -17.07 -16.79 12.34
C GLY C 114 -17.52 -17.86 11.38
N ASN C 115 -18.81 -17.94 11.06
CA ASN C 115 -19.32 -18.97 10.17
C ASN C 115 -19.10 -18.67 8.70
N SER C 116 -18.70 -17.44 8.36
CA SER C 116 -18.56 -17.02 6.96
C SER C 116 -19.91 -16.99 6.26
N LEU C 117 -20.96 -16.62 6.99
CA LEU C 117 -22.26 -16.41 6.36
C LEU C 117 -22.16 -15.28 5.35
N TYR C 118 -22.92 -15.41 4.25
CA TYR C 118 -22.88 -14.44 3.17
C TYR C 118 -24.29 -13.91 2.94
N SER C 119 -24.36 -12.83 2.18
CA SER C 119 -25.66 -12.22 1.86
C SER C 119 -26.51 -13.21 1.07
N GLY C 120 -27.77 -13.35 1.48
CA GLY C 120 -28.70 -14.27 0.88
C GLY C 120 -28.94 -15.53 1.68
N LEU C 121 -27.87 -16.13 2.21
CA LEU C 121 -27.99 -17.30 3.07
C LEU C 121 -28.43 -16.93 4.49
N LEU C 122 -28.06 -15.74 4.95
CA LEU C 122 -28.49 -15.31 6.27
C LEU C 122 -30.00 -15.16 6.33
N GLU C 123 -30.61 -14.72 5.22
CA GLU C 123 -32.04 -14.44 5.19
C GLU C 123 -32.90 -15.69 5.20
N ARG C 124 -32.32 -16.86 4.91
CA ARG C 124 -33.04 -18.12 4.97
C ARG C 124 -32.55 -19.05 6.08
N LEU C 125 -31.35 -18.82 6.61
CA LEU C 125 -30.84 -19.69 7.67
C LEU C 125 -31.63 -19.52 8.96
N LEU C 126 -32.02 -18.29 9.28
CA LEU C 126 -32.70 -18.00 10.53
C LEU C 126 -34.21 -18.13 10.35
N GLY C 127 -34.95 -17.90 11.44
CA GLY C 127 -36.39 -17.89 11.45
C GLY C 127 -36.89 -16.85 12.43
N GLU C 128 -38.20 -16.91 12.70
CA GLU C 128 -38.80 -15.97 13.65
C GLU C 128 -38.12 -16.08 15.01
N ALA C 129 -37.69 -14.94 15.54
CA ALA C 129 -37.05 -14.86 16.85
C ALA C 129 -37.63 -13.66 17.59
N PRO C 130 -38.86 -13.79 18.10
CA PRO C 130 -39.53 -12.62 18.71
C PRO C 130 -38.78 -11.99 19.86
N SER C 131 -38.08 -12.77 20.69
CA SER C 131 -37.46 -12.27 21.90
C SER C 131 -35.94 -12.17 21.79
N LEU C 132 -35.40 -12.14 20.57
CA LEU C 132 -33.94 -12.04 20.39
C LEU C 132 -33.49 -10.64 20.80
N HIS C 133 -32.58 -10.58 21.77
CA HIS C 133 -32.05 -9.32 22.26
C HIS C 133 -30.71 -8.97 21.62
N THR C 134 -29.88 -9.97 21.34
CA THR C 134 -28.55 -9.76 20.78
C THR C 134 -28.34 -10.72 19.62
N LEU C 135 -27.76 -10.21 18.53
CA LEU C 135 -27.42 -11.01 17.37
C LEU C 135 -26.01 -10.64 16.94
N SER C 136 -25.16 -11.65 16.78
CA SER C 136 -23.76 -11.46 16.38
C SER C 136 -23.55 -12.12 15.02
N LEU C 137 -23.09 -11.32 14.05
CA LEU C 137 -22.79 -11.82 12.72
C LEU C 137 -21.39 -11.42 12.27
N ALA C 138 -20.50 -11.10 13.21
CA ALA C 138 -19.18 -10.59 12.87
C ALA C 138 -18.30 -11.70 12.29
N GLU C 139 -17.24 -11.29 11.61
CA GLU C 139 -16.26 -12.21 11.03
C GLU C 139 -16.88 -13.10 9.97
N ASN C 140 -17.98 -12.66 9.37
CA ASN C 140 -18.64 -13.38 8.30
C ASN C 140 -18.29 -12.71 6.96
N SER C 141 -18.92 -13.17 5.88
CA SER C 141 -18.68 -12.65 4.53
C SER C 141 -19.86 -11.83 4.02
N LEU C 142 -20.60 -11.20 4.92
CA LEU C 142 -21.70 -10.35 4.51
C LEU C 142 -21.18 -9.17 3.68
N THR C 143 -21.84 -8.93 2.54
CA THR C 143 -21.45 -7.89 1.61
C THR C 143 -22.51 -6.83 1.38
N ARG C 144 -23.79 -7.15 1.60
CA ARG C 144 -24.89 -6.26 1.30
C ARG C 144 -25.99 -6.45 2.33
N LEU C 145 -26.59 -5.34 2.76
CA LEU C 145 -27.74 -5.35 3.66
C LEU C 145 -28.96 -4.96 2.85
N THR C 146 -29.59 -5.97 2.25
CA THR C 146 -30.75 -5.74 1.40
C THR C 146 -31.95 -5.36 2.25
N ARG C 147 -33.05 -4.98 1.57
CA ARG C 147 -34.28 -4.64 2.27
C ARG C 147 -34.76 -5.78 3.17
N HIS C 148 -34.45 -7.03 2.81
CA HIS C 148 -35.02 -8.20 3.45
C HIS C 148 -34.02 -8.96 4.31
N THR C 149 -33.15 -8.25 5.04
CA THR C 149 -32.11 -8.92 5.82
C THR C 149 -32.57 -9.22 7.24
N PHE C 150 -33.01 -8.18 7.97
CA PHE C 150 -33.30 -8.32 9.39
C PHE C 150 -34.79 -8.30 9.67
N ARG C 151 -35.57 -8.95 8.81
CA ARG C 151 -36.98 -9.14 9.08
C ARG C 151 -37.17 -10.21 10.14
N ASP C 152 -38.33 -10.15 10.81
CA ASP C 152 -38.73 -11.17 11.79
C ASP C 152 -37.85 -11.17 13.03
N MET C 153 -37.52 -9.98 13.54
CA MET C 153 -36.84 -9.86 14.83
C MET C 153 -37.01 -8.44 15.36
N PRO C 154 -38.20 -8.08 15.84
CA PRO C 154 -38.42 -6.69 16.28
C PRO C 154 -37.75 -6.35 17.59
N ALA C 155 -37.52 -7.32 18.47
CA ALA C 155 -36.99 -7.05 19.80
C ALA C 155 -35.48 -6.98 19.83
N LEU C 156 -34.80 -7.04 18.69
CA LEU C 156 -33.35 -6.93 18.67
C LEU C 156 -32.91 -5.57 19.19
N GLU C 157 -31.92 -5.59 20.09
CA GLU C 157 -31.37 -4.37 20.67
C GLU C 157 -29.90 -4.15 20.36
N GLN C 158 -29.17 -5.20 20.00
CA GLN C 158 -27.75 -5.10 19.68
C GLN C 158 -27.45 -5.93 18.45
N LEU C 159 -26.74 -5.35 17.49
CA LEU C 159 -26.39 -6.02 16.25
C LEU C 159 -24.90 -5.82 16.02
N ASP C 160 -24.19 -6.92 15.77
CA ASP C 160 -22.73 -6.90 15.60
C ASP C 160 -22.41 -7.39 14.19
N LEU C 161 -21.73 -6.54 13.42
CA LEU C 161 -21.43 -6.83 12.01
C LEU C 161 -20.00 -6.47 11.65
N HIS C 162 -19.07 -6.54 12.59
CA HIS C 162 -17.70 -6.13 12.30
C HIS C 162 -16.94 -7.26 11.61
N SER C 163 -15.84 -6.87 10.93
CA SER C 163 -14.99 -7.79 10.19
C SER C 163 -15.70 -8.38 8.98
N ASN C 164 -16.87 -7.84 8.62
CA ASN C 164 -17.55 -8.27 7.41
C ASN C 164 -17.06 -7.45 6.21
N VAL C 165 -17.58 -7.79 5.04
CA VAL C 165 -17.17 -7.15 3.79
C VAL C 165 -18.30 -6.24 3.31
N LEU C 166 -19.08 -5.72 4.25
CA LEU C 166 -20.25 -4.93 3.90
C LEU C 166 -19.85 -3.69 3.10
N MET C 167 -20.33 -3.61 1.87
CA MET C 167 -20.13 -2.46 1.00
C MET C 167 -21.39 -1.65 0.79
N ASP C 168 -22.54 -2.31 0.65
CA ASP C 168 -23.81 -1.64 0.34
C ASP C 168 -24.81 -1.88 1.48
N ILE C 169 -25.67 -0.89 1.69
CA ILE C 169 -26.75 -0.96 2.66
C ILE C 169 -27.94 -0.27 2.01
N GLU C 170 -28.91 -1.06 1.54
CA GLU C 170 -30.11 -0.49 0.93
C GLU C 170 -30.91 0.31 1.95
N ASP C 171 -31.55 1.37 1.45
CA ASP C 171 -32.39 2.22 2.28
C ASP C 171 -33.50 1.41 2.92
N GLY C 172 -33.54 1.39 4.26
CA GLY C 172 -34.52 0.63 4.99
C GLY C 172 -34.11 -0.76 5.40
N ALA C 173 -32.82 -1.10 5.26
CA ALA C 173 -32.37 -2.42 5.72
C ALA C 173 -32.56 -2.60 7.21
N PHE C 174 -32.47 -1.51 7.97
CA PHE C 174 -32.71 -1.53 9.42
C PHE C 174 -34.11 -1.06 9.77
N GLU C 175 -35.05 -1.13 8.82
CA GLU C 175 -36.41 -0.67 9.10
C GLU C 175 -37.15 -1.61 10.03
N GLY C 176 -36.80 -2.90 10.01
CA GLY C 176 -37.44 -3.88 10.86
C GLY C 176 -36.85 -4.01 12.24
N LEU C 177 -36.02 -3.06 12.67
CA LEU C 177 -35.35 -3.09 13.96
C LEU C 177 -35.63 -1.79 14.71
N PRO C 178 -36.87 -1.58 15.16
CA PRO C 178 -37.20 -0.32 15.84
C PRO C 178 -36.51 -0.14 17.18
N ARG C 179 -36.08 -1.23 17.83
CA ARG C 179 -35.51 -1.17 19.16
C ARG C 179 -34.00 -1.29 19.17
N LEU C 180 -33.35 -1.28 18.01
CA LEU C 180 -31.89 -1.40 17.96
C LEU C 180 -31.25 -0.21 18.66
N THR C 181 -30.26 -0.51 19.51
CA THR C 181 -29.51 0.52 20.23
C THR C 181 -28.02 0.48 19.98
N HIS C 182 -27.49 -0.66 19.55
CA HIS C 182 -26.06 -0.84 19.36
C HIS C 182 -25.81 -1.47 18.00
N LEU C 183 -25.08 -0.76 17.15
CA LEU C 183 -24.78 -1.22 15.80
C LEU C 183 -23.28 -1.05 15.61
N ASN C 184 -22.57 -2.16 15.35
CA ASN C 184 -21.13 -2.17 15.25
C ASN C 184 -20.73 -2.58 13.84
N LEU C 185 -20.38 -1.59 13.02
CA LEU C 185 -19.95 -1.83 11.64
C LEU C 185 -18.46 -1.55 11.47
N SER C 186 -17.66 -1.87 12.47
CA SER C 186 -16.23 -1.62 12.38
C SER C 186 -15.55 -2.63 11.46
N ARG C 187 -14.44 -2.21 10.86
CA ARG C 187 -13.64 -3.07 9.99
C ARG C 187 -14.46 -3.60 8.82
N ASN C 188 -15.34 -2.77 8.27
CA ASN C 188 -16.11 -3.12 7.09
C ASN C 188 -15.63 -2.32 5.89
N SER C 189 -16.24 -2.58 4.72
CA SER C 189 -15.79 -2.06 3.44
C SER C 189 -16.68 -0.92 2.92
N LEU C 190 -17.44 -0.27 3.81
CA LEU C 190 -18.30 0.83 3.40
C LEU C 190 -17.47 1.99 2.87
N THR C 191 -18.04 2.74 1.91
CA THR C 191 -17.28 3.76 1.18
C THR C 191 -17.90 5.15 1.15
N CYS C 192 -19.23 5.28 1.24
CA CYS C 192 -19.83 6.61 1.27
C CYS C 192 -21.20 6.43 1.91
N ILE C 193 -21.48 7.20 2.97
CA ILE C 193 -22.73 7.11 3.71
C ILE C 193 -23.54 8.34 3.34
N SER C 194 -24.70 8.12 2.71
CA SER C 194 -25.52 9.20 2.19
C SER C 194 -26.63 9.62 3.13
N ASP C 195 -26.96 8.82 4.14
CA ASP C 195 -28.07 9.13 5.03
C ASP C 195 -27.87 8.44 6.37
N PHE C 196 -28.58 8.93 7.38
CA PHE C 196 -28.65 8.31 8.69
C PHE C 196 -30.01 8.64 9.30
N SER C 197 -30.88 7.64 9.40
CA SER C 197 -32.24 7.84 9.90
C SER C 197 -32.60 6.88 11.02
N LEU C 198 -31.62 6.34 11.76
CA LEU C 198 -31.88 5.40 12.84
C LEU C 198 -32.10 6.17 14.14
N GLN C 199 -33.35 6.57 14.36
CA GLN C 199 -33.68 7.37 15.54
C GLN C 199 -33.45 6.56 16.81
N GLN C 200 -33.63 5.24 16.74
CA GLN C 200 -33.52 4.40 17.93
C GLN C 200 -32.06 4.19 18.35
N LEU C 201 -31.13 4.28 17.41
CA LEU C 201 -29.75 3.88 17.65
C LEU C 201 -29.07 4.81 18.65
N ARG C 202 -28.18 4.24 19.45
CA ARG C 202 -27.42 4.98 20.45
C ARG C 202 -25.91 4.83 20.30
N VAL C 203 -25.42 3.72 19.76
CA VAL C 203 -23.99 3.50 19.55
C VAL C 203 -23.78 3.09 18.11
N LEU C 204 -22.87 3.77 17.42
CA LEU C 204 -22.55 3.50 16.03
C LEU C 204 -21.03 3.48 15.88
N ASP C 205 -20.49 2.35 15.44
CA ASP C 205 -19.06 2.19 15.23
C ASP C 205 -18.82 1.95 13.74
N LEU C 206 -18.41 3.01 13.04
CA LEU C 206 -18.04 2.93 11.62
C LEU C 206 -16.54 3.06 11.44
N SER C 207 -15.76 2.69 12.45
CA SER C 207 -14.31 2.82 12.37
C SER C 207 -13.73 1.80 11.39
N CYS C 208 -12.49 2.04 10.99
CA CYS C 208 -11.71 1.14 10.15
C CYS C 208 -12.41 0.80 8.84
N ASN C 209 -13.24 1.71 8.34
CA ASN C 209 -13.89 1.54 7.04
C ASN C 209 -13.17 2.38 5.99
N SER C 210 -13.68 2.40 4.77
CA SER C 210 -13.16 3.23 3.69
C SER C 210 -14.01 4.46 3.43
N ILE C 211 -14.79 4.89 4.43
CA ILE C 211 -15.76 5.96 4.22
C ILE C 211 -15.01 7.24 3.85
N GLU C 212 -15.34 7.80 2.68
CA GLU C 212 -14.81 9.09 2.28
C GLU C 212 -15.74 10.24 2.63
N ALA C 213 -17.04 9.99 2.72
CA ALA C 213 -18.01 11.01 3.08
C ALA C 213 -19.05 10.41 4.02
N PHE C 214 -19.53 11.24 4.93
CA PHE C 214 -20.54 10.84 5.91
C PHE C 214 -21.62 11.90 5.95
N GLN C 215 -22.88 11.46 5.86
CA GLN C 215 -24.01 12.38 5.77
C GLN C 215 -25.17 11.82 6.58
N THR C 216 -26.08 12.71 6.98
CA THR C 216 -27.25 12.36 7.77
C THR C 216 -28.46 13.09 7.22
N ALA C 217 -29.61 12.88 7.87
CA ALA C 217 -30.83 13.57 7.48
C ALA C 217 -30.75 15.05 7.85
N SER C 218 -31.54 15.86 7.14
CA SER C 218 -31.54 17.30 7.32
C SER C 218 -32.95 17.76 7.68
N GLN C 219 -33.04 18.61 8.71
CA GLN C 219 -34.30 19.13 9.22
C GLN C 219 -35.29 17.99 9.47
N PRO C 220 -34.92 16.99 10.28
CA PRO C 220 -35.84 15.87 10.52
C PRO C 220 -37.04 16.27 11.34
N GLN C 221 -38.13 15.53 11.16
CA GLN C 221 -39.33 15.74 11.96
C GLN C 221 -39.25 15.06 13.32
N ALA C 222 -38.19 14.28 13.58
CA ALA C 222 -38.03 13.57 14.84
C ALA C 222 -36.59 13.71 15.31
N GLU C 223 -36.39 13.44 16.60
CA GLU C 223 -35.08 13.58 17.22
C GLU C 223 -34.23 12.34 16.98
N PHE C 224 -32.95 12.45 17.32
CA PHE C 224 -31.99 11.35 17.21
C PHE C 224 -31.39 11.07 18.58
N GLN C 225 -31.05 9.79 18.80
CA GLN C 225 -30.58 9.33 20.10
C GLN C 225 -29.13 8.87 20.08
N LEU C 226 -28.41 9.07 18.98
CA LEU C 226 -27.01 8.65 18.90
C LEU C 226 -26.19 9.40 19.94
N THR C 227 -25.36 8.66 20.69
CA THR C 227 -24.52 9.24 21.73
C THR C 227 -23.04 8.91 21.57
N TRP C 228 -22.69 7.96 20.70
CA TRP C 228 -21.32 7.46 20.62
C TRP C 228 -21.03 7.06 19.19
N LEU C 229 -20.31 7.92 18.47
CA LEU C 229 -19.96 7.71 17.07
C LEU C 229 -18.45 7.54 16.98
N ASP C 230 -18.01 6.45 16.35
CA ASP C 230 -16.61 6.17 16.11
C ASP C 230 -16.40 6.14 14.60
N LEU C 231 -15.79 7.19 14.06
CA LEU C 231 -15.63 7.34 12.62
C LEU C 231 -14.16 7.48 12.25
N ARG C 232 -13.29 6.67 12.85
CA ARG C 232 -11.85 6.87 12.74
C ARG C 232 -11.23 5.82 11.81
N GLU C 233 -9.99 6.10 11.39
CA GLU C 233 -9.25 5.28 10.44
C GLU C 233 -10.02 5.10 9.13
N ASN C 234 -10.83 6.09 8.77
CA ASN C 234 -11.51 6.12 7.49
C ASN C 234 -10.78 7.09 6.56
N LYS C 235 -11.32 7.26 5.35
CA LYS C 235 -10.76 8.16 4.36
C LYS C 235 -11.47 9.51 4.33
N LEU C 236 -12.15 9.88 5.42
CA LEU C 236 -12.94 11.11 5.44
C LEU C 236 -12.09 12.30 5.06
N LEU C 237 -12.57 13.08 4.08
CA LEU C 237 -11.88 14.27 3.62
C LEU C 237 -12.42 15.55 4.26
N HIS C 238 -13.47 15.47 5.06
CA HIS C 238 -14.11 16.65 5.64
C HIS C 238 -14.65 16.30 7.01
N PHE C 239 -14.92 17.35 7.79
CA PHE C 239 -15.60 17.18 9.07
C PHE C 239 -17.09 17.00 8.82
N PRO C 240 -17.71 15.89 9.24
CA PRO C 240 -19.10 15.64 8.86
C PRO C 240 -20.05 16.67 9.45
N ASP C 241 -21.16 16.90 8.75
CA ASP C 241 -22.21 17.81 9.21
C ASP C 241 -23.10 17.07 10.21
N LEU C 242 -22.73 17.18 11.49
CA LEU C 242 -23.42 16.51 12.57
C LEU C 242 -24.48 17.39 13.24
N ALA C 243 -25.07 18.32 12.49
CA ALA C 243 -26.08 19.19 13.08
C ALA C 243 -27.32 18.42 13.50
N ALA C 244 -27.61 17.29 12.85
CA ALA C 244 -28.79 16.50 13.16
C ALA C 244 -28.58 15.48 14.27
N LEU C 245 -27.38 15.45 14.87
CA LEU C 245 -27.07 14.50 15.94
C LEU C 245 -26.81 15.27 17.24
N PRO C 246 -27.83 15.90 17.81
CA PRO C 246 -27.60 16.77 18.97
C PRO C 246 -27.06 16.05 20.19
N ARG C 247 -27.40 14.79 20.40
CA ARG C 247 -27.07 14.08 21.63
C ARG C 247 -25.74 13.34 21.55
N LEU C 248 -24.97 13.52 20.49
CA LEU C 248 -23.68 12.85 20.39
C LEU C 248 -22.77 13.31 21.53
N ILE C 249 -22.18 12.34 22.23
CA ILE C 249 -21.32 12.60 23.37
C ILE C 249 -19.86 12.34 23.04
N TYR C 250 -19.60 11.32 22.22
CA TYR C 250 -18.26 10.89 21.88
C TYR C 250 -18.09 10.91 20.37
N LEU C 251 -16.93 11.37 19.91
CA LEU C 251 -16.64 11.46 18.49
C LEU C 251 -15.13 11.30 18.31
N ASN C 252 -14.73 10.29 17.55
CA ASN C 252 -13.31 9.98 17.34
C ASN C 252 -13.09 9.92 15.83
N LEU C 253 -12.65 11.04 15.26
CA LEU C 253 -12.39 11.14 13.83
C LEU C 253 -10.91 10.90 13.51
N SER C 254 -10.17 10.30 14.44
CA SER C 254 -8.73 10.12 14.29
C SER C 254 -8.35 9.37 13.02
N ASN C 255 -7.15 9.64 12.51
CA ASN C 255 -6.54 8.91 11.40
C ASN C 255 -7.33 9.05 10.10
N ASN C 256 -8.07 10.15 9.94
CA ASN C 256 -8.73 10.48 8.68
C ASN C 256 -7.91 11.52 7.94
N LEU C 257 -8.46 12.06 6.84
CA LEU C 257 -7.82 13.11 6.06
C LEU C 257 -8.62 14.41 6.16
N ILE C 258 -9.11 14.72 7.36
CA ILE C 258 -10.11 15.76 7.52
C ILE C 258 -9.47 17.14 7.59
N ARG C 259 -9.38 17.80 6.44
CA ARG C 259 -8.94 19.19 6.41
C ARG C 259 -10.14 20.12 6.62
N LEU C 260 -10.04 21.01 7.59
CA LEU C 260 -11.11 21.96 7.82
C LEU C 260 -11.15 22.98 6.69
N PRO C 261 -12.32 23.62 6.45
CA PRO C 261 -12.43 24.51 5.29
C PRO C 261 -11.51 25.73 5.37
N ARG C 293 -25.89 24.84 18.75
CA ARG C 293 -24.75 24.45 17.92
C ARG C 293 -24.86 22.99 17.51
N PRO C 294 -24.18 22.62 16.41
CA PRO C 294 -24.28 21.23 15.95
C PRO C 294 -23.70 20.22 16.92
N LEU C 295 -22.73 20.62 17.75
CA LEU C 295 -22.08 19.72 18.69
C LEU C 295 -22.03 20.31 20.10
N SER C 296 -23.12 20.92 20.57
CA SER C 296 -23.13 21.54 21.89
C SER C 296 -22.98 20.52 23.02
N GLN C 297 -23.33 19.26 22.79
CA GLN C 297 -23.29 18.24 23.82
C GLN C 297 -22.15 17.24 23.64
N LEU C 298 -21.21 17.50 22.73
CA LEU C 298 -20.06 16.63 22.57
C LEU C 298 -19.07 16.87 23.70
N LEU C 299 -18.58 15.79 24.30
CA LEU C 299 -17.68 15.87 25.45
C LEU C 299 -16.27 15.36 25.17
N ASN C 300 -16.08 14.52 24.15
CA ASN C 300 -14.78 13.91 23.88
C ASN C 300 -14.59 13.89 22.37
N LEU C 301 -13.79 14.81 21.85
CA LEU C 301 -13.48 14.88 20.43
C LEU C 301 -12.01 14.52 20.22
N ASP C 302 -11.77 13.54 19.37
CA ASP C 302 -10.42 13.11 19.02
C ASP C 302 -10.22 13.40 17.53
N LEU C 303 -9.52 14.48 17.23
CA LEU C 303 -9.37 14.99 15.87
C LEU C 303 -7.92 14.94 15.42
N SER C 304 -7.17 13.94 15.89
CA SER C 304 -5.75 13.83 15.57
C SER C 304 -5.56 13.13 14.22
N TYR C 305 -4.36 13.27 13.68
CA TYR C 305 -3.98 12.62 12.42
C TYR C 305 -4.97 12.95 11.30
N ASN C 306 -5.25 14.24 11.07
CA ASN C 306 -6.33 14.65 10.17
C ASN C 306 -5.90 15.74 9.19
N GLU C 307 -4.60 15.91 8.96
CA GLU C 307 -4.07 16.85 7.99
C GLU C 307 -4.58 18.28 8.21
N ILE C 308 -5.02 18.62 9.42
CA ILE C 308 -5.58 19.94 9.66
C ILE C 308 -4.46 20.96 9.71
N GLU C 309 -4.68 22.11 9.06
CA GLU C 309 -3.70 23.19 9.03
C GLU C 309 -4.18 24.47 9.70
N LEU C 310 -5.49 24.66 9.83
CA LEU C 310 -6.02 25.86 10.47
C LEU C 310 -7.34 25.52 11.14
N ILE C 311 -7.57 26.16 12.28
CA ILE C 311 -8.81 26.01 13.04
C ILE C 311 -9.58 27.32 12.91
N PRO C 312 -10.60 27.41 12.07
CA PRO C 312 -11.36 28.66 11.97
C PRO C 312 -12.02 29.02 13.29
N ASP C 313 -12.22 30.33 13.50
CA ASP C 313 -12.77 30.81 14.76
C ASP C 313 -14.17 30.25 15.02
N SER C 314 -15.01 30.18 13.98
CA SER C 314 -16.36 29.66 14.15
C SER C 314 -16.37 28.20 14.58
N PHE C 315 -15.30 27.46 14.33
CA PHE C 315 -15.29 26.03 14.64
C PHE C 315 -15.37 25.78 16.14
N LEU C 316 -14.50 26.43 16.92
CA LEU C 316 -14.43 26.15 18.35
C LEU C 316 -15.69 26.57 19.09
N GLU C 317 -16.48 27.48 18.52
CA GLU C 317 -17.74 27.86 19.16
C GLU C 317 -18.71 26.69 19.18
N HIS C 318 -18.72 25.88 18.13
CA HIS C 318 -19.64 24.75 18.06
C HIS C 318 -19.27 23.66 19.06
N LEU C 319 -18.04 23.67 19.57
CA LEU C 319 -17.57 22.63 20.47
C LEU C 319 -17.74 23.05 21.93
N THR C 320 -18.77 23.82 22.22
CA THR C 320 -19.06 24.19 23.61
C THR C 320 -19.37 22.94 24.42
N SER C 321 -18.95 22.96 25.69
CA SER C 321 -19.09 21.86 26.64
C SER C 321 -18.13 20.72 26.36
N LEU C 322 -17.20 20.87 25.41
CA LEU C 322 -16.22 19.83 25.16
C LEU C 322 -15.25 19.71 26.34
N CYS C 323 -14.93 18.48 26.71
CA CYS C 323 -14.06 18.22 27.86
C CYS C 323 -12.70 17.68 27.47
N PHE C 324 -12.58 17.04 26.31
CA PHE C 324 -11.31 16.55 25.79
C PHE C 324 -11.22 16.91 24.31
N LEU C 325 -10.05 17.42 23.90
CA LEU C 325 -9.83 17.83 22.52
C LEU C 325 -8.43 17.39 22.12
N ASN C 326 -8.34 16.34 21.32
CA ASN C 326 -7.07 15.81 20.86
C ASN C 326 -6.82 16.28 19.42
N LEU C 327 -5.82 17.14 19.25
CA LEU C 327 -5.43 17.66 17.94
C LEU C 327 -4.01 17.27 17.59
N SER C 328 -3.54 16.13 18.10
CA SER C 328 -2.15 15.74 17.93
C SER C 328 -1.87 15.33 16.49
N ARG C 329 -0.59 15.41 16.12
CA ARG C 329 -0.09 14.89 14.84
C ARG C 329 -0.86 15.47 13.65
N ASN C 330 -1.20 16.74 13.73
CA ASN C 330 -1.73 17.47 12.58
C ASN C 330 -0.66 18.38 11.99
N CYS C 331 -0.97 18.99 10.87
CA CYS C 331 -0.13 20.02 10.27
C CYS C 331 -0.46 21.41 10.80
N LEU C 332 -1.13 21.49 11.94
CA LEU C 332 -1.53 22.77 12.52
C LEU C 332 -0.30 23.63 12.80
N ARG C 333 -0.45 24.93 12.53
CA ARG C 333 0.66 25.88 12.66
C ARG C 333 0.50 26.87 13.79
N THR C 334 -0.73 27.18 14.22
CA THR C 334 -0.94 28.08 15.34
C THR C 334 -2.32 27.82 15.93
N PHE C 335 -2.41 27.91 17.25
CA PHE C 335 -3.67 27.77 17.97
C PHE C 335 -4.14 29.16 18.36
N GLU C 336 -5.37 29.51 17.97
CA GLU C 336 -5.86 30.87 18.03
C GLU C 336 -7.06 31.03 18.96
N ALA C 337 -7.08 30.30 20.07
CA ALA C 337 -8.22 30.38 20.99
C ALA C 337 -8.14 31.63 21.86
N ARG C 338 -8.20 32.81 21.24
CA ARG C 338 -8.10 34.06 21.98
C ARG C 338 -9.45 34.58 22.46
N ARG C 339 -10.55 34.03 21.95
CA ARG C 339 -11.87 34.53 22.34
C ARG C 339 -12.19 34.11 23.78
N LEU C 340 -12.71 35.05 24.56
CA LEU C 340 -13.16 34.72 25.91
C LEU C 340 -14.36 33.78 25.83
N GLY C 341 -14.36 32.75 26.68
CA GLY C 341 -15.40 31.75 26.64
C GLY C 341 -15.18 30.65 25.63
N SER C 342 -14.01 30.59 24.99
CA SER C 342 -13.72 29.51 24.05
C SER C 342 -13.31 28.26 24.82
N LEU C 343 -13.98 27.16 24.51
CA LEU C 343 -13.74 25.88 25.16
C LEU C 343 -13.82 25.99 26.68
N PRO C 344 -14.96 26.43 27.23
CA PRO C 344 -15.03 26.66 28.68
C PRO C 344 -14.76 25.42 29.51
N CYS C 345 -15.28 24.27 29.10
CA CYS C 345 -15.20 23.06 29.92
C CYS C 345 -14.04 22.15 29.57
N LEU C 346 -13.20 22.53 28.60
CA LEU C 346 -12.10 21.67 28.16
C LEU C 346 -11.13 21.43 29.31
N MET C 347 -10.91 20.15 29.63
CA MET C 347 -9.98 19.77 30.69
C MET C 347 -8.63 19.34 30.14
N LEU C 348 -8.60 18.81 28.92
CA LEU C 348 -7.35 18.39 28.27
C LEU C 348 -7.30 18.99 26.88
N LEU C 349 -6.10 19.42 26.47
CA LEU C 349 -5.86 19.91 25.12
C LEU C 349 -4.54 19.33 24.65
N ASP C 350 -4.61 18.43 23.68
CA ASP C 350 -3.43 17.74 23.15
C ASP C 350 -3.09 18.33 21.80
N LEU C 351 -1.92 18.97 21.72
CA LEU C 351 -1.42 19.55 20.47
C LEU C 351 -0.05 19.00 20.11
N SER C 352 0.27 17.80 20.56
CA SER C 352 1.61 17.26 20.40
C SER C 352 1.93 17.01 18.94
N HIS C 353 3.22 17.15 18.60
CA HIS C 353 3.75 16.72 17.31
C HIS C 353 3.06 17.41 16.15
N ASN C 354 2.57 18.63 16.36
CA ASN C 354 2.16 19.50 15.26
C ASN C 354 3.40 20.26 14.78
N ALA C 355 3.21 21.17 13.83
CA ALA C 355 4.23 22.14 13.46
C ALA C 355 3.98 23.49 14.13
N LEU C 356 3.30 23.48 15.28
CA LEU C 356 2.82 24.69 15.91
C LEU C 356 3.97 25.66 16.16
N GLU C 357 3.77 26.93 15.81
CA GLU C 357 4.79 27.96 15.92
C GLU C 357 4.54 28.94 17.06
N THR C 358 3.29 29.25 17.35
CA THR C 358 2.97 30.17 18.45
C THR C 358 1.56 29.89 18.94
N LEU C 359 1.32 30.26 20.20
CA LEU C 359 0.03 30.07 20.85
C LEU C 359 -0.60 31.43 21.10
N GLU C 360 -1.83 31.62 20.61
CA GLU C 360 -2.59 32.84 20.83
C GLU C 360 -3.69 32.67 21.86
N LEU C 361 -3.63 31.63 22.68
CA LEU C 361 -4.68 31.39 23.67
C LEU C 361 -4.83 32.59 24.59
N GLY C 362 -6.08 32.99 24.83
CA GLY C 362 -6.33 34.21 25.57
C GLY C 362 -6.38 34.00 27.07
N ALA C 363 -6.38 35.11 27.80
CA ALA C 363 -6.47 35.06 29.25
C ALA C 363 -7.87 34.69 29.69
N ARG C 364 -7.98 33.72 30.59
CA ARG C 364 -9.25 33.22 31.11
C ARG C 364 -10.08 32.51 30.05
N ALA C 365 -9.49 32.17 28.91
CA ALA C 365 -10.23 31.48 27.86
C ALA C 365 -10.29 29.98 28.14
N LEU C 366 -9.13 29.35 28.25
CA LEU C 366 -9.06 27.93 28.60
C LEU C 366 -9.14 27.79 30.12
N GLY C 367 -10.29 28.15 30.69
CA GLY C 367 -10.38 28.24 32.14
C GLY C 367 -10.21 26.91 32.83
N SER C 368 -10.87 25.87 32.34
CA SER C 368 -10.89 24.57 32.99
C SER C 368 -9.77 23.64 32.52
N LEU C 369 -8.89 24.11 31.64
CA LEU C 369 -7.84 23.26 31.08
C LEU C 369 -6.93 22.76 32.20
N ARG C 370 -6.93 21.44 32.43
CA ARG C 370 -6.05 20.86 33.43
C ARG C 370 -4.75 20.38 32.83
N THR C 371 -4.78 19.81 31.64
CA THR C 371 -3.61 19.24 30.98
C THR C 371 -3.43 19.88 29.62
N LEU C 372 -2.20 20.26 29.30
CA LEU C 372 -1.86 20.85 28.01
C LEU C 372 -0.61 20.18 27.48
N LEU C 373 -0.77 19.42 26.40
CA LEU C 373 0.33 18.70 25.76
C LEU C 373 0.79 19.49 24.54
N LEU C 374 2.10 19.78 24.48
CA LEU C 374 2.66 20.59 23.42
C LEU C 374 3.98 20.04 22.90
N GLN C 375 4.31 18.79 23.22
CA GLN C 375 5.63 18.28 22.85
C GLN C 375 5.74 18.10 21.33
N GLY C 376 6.97 18.21 20.84
CA GLY C 376 7.25 17.98 19.44
C GLY C 376 6.98 19.15 18.52
N ASN C 377 6.47 20.27 19.03
CA ASN C 377 6.18 21.43 18.20
C ASN C 377 7.45 22.27 18.05
N ALA C 378 7.31 23.47 17.47
CA ALA C 378 8.44 24.34 17.18
C ALA C 378 8.31 25.68 17.91
N LEU C 379 7.77 25.65 19.13
CA LEU C 379 7.68 26.87 19.92
C LEU C 379 9.08 27.41 20.24
N ARG C 380 9.32 28.67 19.86
CA ARG C 380 10.59 29.32 20.16
C ARG C 380 10.37 30.52 21.09
N ASP C 381 9.52 31.46 20.68
CA ASP C 381 9.26 32.68 21.43
C ASP C 381 7.76 32.81 21.68
N LEU C 382 7.40 33.19 22.90
CA LEU C 382 6.01 33.32 23.32
C LEU C 382 5.90 34.56 24.20
N PRO C 383 4.69 35.09 24.37
CA PRO C 383 4.47 36.07 25.43
C PRO C 383 4.84 35.48 26.78
N PRO C 384 5.45 36.25 27.68
CA PRO C 384 5.91 35.66 28.95
C PRO C 384 4.80 34.99 29.75
N TYR C 385 3.60 35.55 29.73
CA TYR C 385 2.50 35.06 30.56
C TYR C 385 1.54 34.16 29.79
N THR C 386 2.03 33.39 28.82
CA THR C 386 1.19 32.47 28.08
C THR C 386 0.57 31.42 29.00
N PHE C 387 1.43 30.60 29.62
CA PHE C 387 0.95 29.49 30.44
C PHE C 387 0.52 29.93 31.84
N ALA C 388 0.92 31.12 32.27
CA ALA C 388 0.47 31.60 33.57
C ALA C 388 -0.98 32.02 33.55
N ASN C 389 -1.50 32.41 32.38
CA ASN C 389 -2.90 32.81 32.28
C ASN C 389 -3.85 31.62 32.35
N LEU C 390 -3.37 30.41 32.08
CA LEU C 390 -4.20 29.21 32.18
C LEU C 390 -4.54 29.03 33.65
N ALA C 391 -5.80 29.33 33.98
CA ALA C 391 -6.19 29.47 35.38
C ALA C 391 -6.03 28.19 36.18
N SER C 392 -6.37 27.03 35.61
CA SER C 392 -6.37 25.77 36.33
C SER C 392 -5.44 24.73 35.70
N LEU C 393 -4.41 25.18 34.99
CA LEU C 393 -3.46 24.25 34.40
C LEU C 393 -2.77 23.44 35.50
N GLN C 394 -2.63 22.15 35.27
CA GLN C 394 -1.99 21.24 36.22
C GLN C 394 -0.77 20.53 35.65
N ARG C 395 -0.83 20.08 34.40
CA ARG C 395 0.29 19.42 33.73
C ARG C 395 0.60 20.16 32.44
N LEU C 396 1.89 20.32 32.16
CA LEU C 396 2.36 20.99 30.95
C LEU C 396 3.57 20.25 30.42
N ASN C 397 3.46 19.75 29.18
CA ASN C 397 4.55 19.05 28.52
C ASN C 397 5.04 19.91 27.38
N LEU C 398 6.33 20.25 27.41
CA LEU C 398 6.96 21.07 26.38
C LEU C 398 8.19 20.39 25.78
N GLN C 399 8.24 19.06 25.85
CA GLN C 399 9.40 18.34 25.36
C GLN C 399 9.54 18.48 23.85
N GLY C 400 10.77 18.68 23.39
CA GLY C 400 11.05 18.78 21.97
C GLY C 400 10.88 20.17 21.39
N ASN C 401 10.27 21.09 22.12
CA ASN C 401 10.23 22.48 21.70
C ASN C 401 11.60 23.10 21.96
N ARG C 402 11.70 24.42 21.81
CA ARG C 402 12.91 25.14 22.14
C ARG C 402 12.58 26.42 22.91
N VAL C 403 11.66 26.29 23.87
CA VAL C 403 11.30 27.39 24.74
C VAL C 403 12.44 27.64 25.74
N SER C 404 12.55 28.89 26.19
CA SER C 404 13.54 29.30 27.17
C SER C 404 12.86 29.90 28.39
N PRO C 405 13.06 29.37 29.59
CA PRO C 405 12.40 29.97 30.77
C PRO C 405 13.10 31.24 31.23
N CYS C 406 12.43 31.96 32.13
CA CYS C 406 13.00 33.12 32.77
C CYS C 406 12.41 33.24 34.17
N GLY C 407 13.12 33.96 35.03
CA GLY C 407 12.86 33.95 36.46
C GLY C 407 12.02 35.08 37.01
N GLY C 408 11.44 35.92 36.17
CA GLY C 408 10.57 36.97 36.63
C GLY C 408 11.25 37.95 37.57
N PRO C 409 10.77 38.06 38.83
CA PRO C 409 11.35 39.07 39.73
C PRO C 409 12.83 38.88 39.99
N ASP C 410 13.32 37.65 40.04
CA ASP C 410 14.73 37.37 40.29
C ASP C 410 15.43 37.08 38.98
N GLU C 411 16.41 37.90 38.64
CA GLU C 411 17.20 37.72 37.43
C GLU C 411 16.30 37.74 36.19
N PRO C 412 15.77 38.89 35.80
CA PRO C 412 14.93 38.93 34.59
C PRO C 412 15.69 38.47 33.36
N GLY C 413 14.96 37.84 32.43
CA GLY C 413 15.54 37.28 31.24
C GLY C 413 15.26 38.10 30.00
N PRO C 414 15.71 37.63 28.84
CA PRO C 414 15.50 38.38 27.61
C PRO C 414 14.03 38.41 27.20
N SER C 415 13.75 39.18 26.15
CA SER C 415 12.41 39.21 25.58
C SER C 415 12.12 37.88 24.89
N GLY C 416 10.84 37.51 24.88
CA GLY C 416 10.42 36.24 24.32
C GLY C 416 10.53 35.06 25.25
N CYS C 417 11.05 35.26 26.47
CA CYS C 417 11.06 34.20 27.45
C CYS C 417 9.64 33.91 27.93
N VAL C 418 9.47 32.72 28.50
CA VAL C 418 8.18 32.27 29.03
C VAL C 418 8.29 32.21 30.54
N ALA C 419 7.31 32.80 31.22
CA ALA C 419 7.35 32.98 32.68
C ALA C 419 6.65 31.81 33.37
N PHE C 420 7.45 30.79 33.69
CA PHE C 420 6.97 29.71 34.55
C PHE C 420 7.04 30.09 36.02
N SER C 421 7.56 31.28 36.34
CA SER C 421 7.85 31.62 37.72
C SER C 421 6.60 31.70 38.59
N GLY C 422 5.43 31.91 37.98
CA GLY C 422 4.23 32.19 38.74
C GLY C 422 2.99 31.42 38.33
N ILE C 423 3.16 30.18 37.87
CA ILE C 423 2.01 29.33 37.56
C ILE C 423 1.62 28.59 38.83
N THR C 424 0.70 29.17 39.60
CA THR C 424 0.37 28.63 40.92
C THR C 424 -0.28 27.26 40.82
N SER C 425 -1.13 27.04 39.81
CA SER C 425 -1.91 25.81 39.75
C SER C 425 -1.14 24.65 39.14
N LEU C 426 0.03 24.89 38.57
CA LEU C 426 0.79 23.85 37.89
C LEU C 426 1.34 22.85 38.91
N ARG C 427 1.38 21.57 38.53
CA ARG C 427 1.89 20.51 39.39
C ARG C 427 2.90 19.60 38.72
N SER C 428 2.92 19.49 37.40
CA SER C 428 3.92 18.70 36.69
C SER C 428 4.34 19.44 35.43
N LEU C 429 5.66 19.58 35.25
CA LEU C 429 6.22 20.32 34.13
C LEU C 429 7.33 19.50 33.49
N SER C 430 7.42 19.57 32.17
CA SER C 430 8.48 18.90 31.41
C SER C 430 9.11 19.90 30.45
N LEU C 431 10.44 20.00 30.48
CA LEU C 431 11.19 20.85 29.57
C LEU C 431 12.29 20.08 28.86
N VAL C 432 12.09 18.78 28.65
CA VAL C 432 13.13 17.94 28.07
C VAL C 432 13.45 18.39 26.65
N ASP C 433 14.74 18.39 26.33
CA ASP C 433 15.21 18.69 24.97
C ASP C 433 14.71 20.05 24.50
N ASN C 434 14.68 21.03 25.40
CA ASN C 434 14.38 22.41 25.05
C ASN C 434 15.64 23.21 24.72
N GLU C 435 16.82 22.58 24.76
CA GLU C 435 18.08 23.26 24.48
C GLU C 435 18.25 24.50 25.36
N ILE C 436 17.90 24.38 26.63
CA ILE C 436 18.10 25.47 27.57
C ILE C 436 19.56 25.44 28.03
N GLU C 437 20.27 26.55 27.82
CA GLU C 437 21.67 26.63 28.20
C GLU C 437 21.88 27.24 29.58
N LEU C 438 20.96 28.10 30.03
CA LEU C 438 21.08 28.77 31.32
C LEU C 438 19.71 28.84 31.95
N LEU C 439 19.62 28.40 33.21
CA LEU C 439 18.38 28.43 33.98
C LEU C 439 18.47 29.56 34.99
N ARG C 440 17.41 30.37 35.05
CA ARG C 440 17.44 31.60 35.85
C ARG C 440 17.22 31.29 37.33
N ALA C 441 17.54 32.26 38.17
CA ALA C 441 17.49 32.07 39.61
C ALA C 441 16.06 31.88 40.11
N GLY C 442 15.12 32.67 39.60
CA GLY C 442 13.74 32.59 40.04
C GLY C 442 12.84 31.89 39.05
N ALA C 443 13.35 30.81 38.45
CA ALA C 443 12.66 30.16 37.34
C ALA C 443 11.28 29.65 37.77
N PHE C 444 11.18 29.05 38.96
CA PHE C 444 9.94 28.45 39.43
C PHE C 444 9.60 28.89 40.86
N LEU C 445 9.93 30.13 41.24
CA LEU C 445 9.90 30.49 42.65
C LEU C 445 8.49 30.56 43.21
N HIS C 446 7.49 30.92 42.40
CA HIS C 446 6.10 30.98 42.86
C HIS C 446 5.21 29.93 42.19
N THR C 447 5.80 28.90 41.58
CA THR C 447 5.06 27.78 41.01
C THR C 447 5.32 26.56 41.88
N PRO C 448 4.37 26.14 42.74
CA PRO C 448 4.63 24.96 43.59
C PRO C 448 4.33 23.66 42.86
N LEU C 449 5.18 23.30 41.91
CA LEU C 449 4.97 22.07 41.16
C LEU C 449 5.55 20.88 41.91
N THR C 450 5.06 19.69 41.55
CA THR C 450 5.41 18.44 42.23
C THR C 450 6.43 17.62 41.49
N GLU C 451 6.48 17.70 40.16
CA GLU C 451 7.45 16.96 39.36
C GLU C 451 7.99 17.87 38.26
N LEU C 452 9.31 17.84 38.09
CA LEU C 452 9.98 18.63 37.06
C LEU C 452 10.99 17.74 36.35
N ASP C 453 11.03 17.84 35.03
CA ASP C 453 11.97 17.10 34.19
C ASP C 453 12.70 18.08 33.29
N LEU C 454 14.03 18.10 33.38
CA LEU C 454 14.88 18.96 32.57
C LEU C 454 15.87 18.15 31.75
N SER C 455 15.58 16.87 31.49
CA SER C 455 16.58 15.97 30.94
C SER C 455 16.95 16.37 29.52
N SER C 456 18.14 15.94 29.10
CA SER C 456 18.61 16.09 27.73
C SER C 456 18.55 17.54 27.26
N ASN C 457 18.89 18.45 28.18
CA ASN C 457 19.20 19.83 27.82
C ASN C 457 20.71 20.01 27.96
N PRO C 458 21.50 19.72 26.92
CA PRO C 458 22.96 19.68 27.08
C PRO C 458 23.51 21.03 27.52
N GLY C 459 24.53 20.98 28.37
CA GLY C 459 25.20 22.20 28.79
C GLY C 459 24.37 23.09 29.69
N LEU C 460 23.34 22.55 30.34
CA LEU C 460 22.50 23.37 31.21
C LEU C 460 23.30 23.89 32.39
N GLU C 461 23.50 25.20 32.45
CA GLU C 461 24.18 25.84 33.58
C GLU C 461 23.13 26.28 34.58
N VAL C 462 22.86 25.43 35.58
CA VAL C 462 21.83 25.74 36.56
C VAL C 462 22.36 26.85 37.48
N ALA C 463 21.71 28.01 37.43
CA ALA C 463 22.08 29.09 38.33
C ALA C 463 21.84 28.68 39.77
N THR C 464 22.70 29.15 40.66
CA THR C 464 22.60 28.79 42.07
C THR C 464 21.24 29.19 42.62
N GLY C 465 20.53 28.24 43.21
CA GLY C 465 19.21 28.50 43.72
C GLY C 465 18.14 28.67 42.66
N ALA C 466 18.37 28.13 41.46
CA ALA C 466 17.37 28.23 40.41
C ALA C 466 16.08 27.51 40.79
N LEU C 467 16.19 26.35 41.41
CA LEU C 467 15.05 25.55 41.84
C LEU C 467 14.65 25.85 43.28
N GLY C 468 14.92 27.07 43.76
CA GLY C 468 14.74 27.36 45.17
C GLY C 468 13.32 27.21 45.67
N GLY C 469 12.34 27.60 44.85
CA GLY C 469 10.96 27.56 45.28
C GLY C 469 10.34 26.18 45.31
N LEU C 470 11.06 25.16 44.85
CA LEU C 470 10.53 23.81 44.76
C LEU C 470 10.96 22.92 45.93
N GLU C 471 11.66 23.47 46.92
CA GLU C 471 12.18 22.63 48.00
C GLU C 471 11.08 21.97 48.79
N ALA C 472 10.01 22.71 49.10
CA ALA C 472 8.94 22.22 49.95
C ALA C 472 7.78 21.61 49.17
N SER C 473 7.87 21.53 47.84
CA SER C 473 6.75 21.08 47.02
C SER C 473 7.13 19.93 46.09
N LEU C 474 8.34 19.97 45.54
CA LEU C 474 8.74 18.99 44.54
C LEU C 474 8.87 17.60 45.16
N GLU C 475 8.45 16.58 44.40
CA GLU C 475 8.57 15.19 44.81
C GLU C 475 9.47 14.37 43.89
N VAL C 476 9.57 14.74 42.62
CA VAL C 476 10.45 14.06 41.67
C VAL C 476 11.16 15.12 40.85
N LEU C 477 12.46 14.90 40.60
CA LEU C 477 13.26 15.79 39.77
C LEU C 477 14.18 14.96 38.90
N ALA C 478 14.32 15.37 37.64
CA ALA C 478 15.18 14.68 36.68
C ALA C 478 16.07 15.69 35.99
N LEU C 479 17.36 15.36 35.87
CA LEU C 479 18.34 16.20 35.20
C LEU C 479 19.25 15.38 34.31
N GLN C 480 18.75 14.27 33.76
CA GLN C 480 19.59 13.35 33.00
C GLN C 480 20.13 14.01 31.74
N GLY C 481 21.36 13.65 31.38
CA GLY C 481 21.94 14.08 30.13
C GLY C 481 22.30 15.54 30.03
N ASN C 482 22.22 16.29 31.13
CA ASN C 482 22.58 17.70 31.09
C ASN C 482 24.08 17.91 30.94
N GLY C 483 24.90 16.96 31.39
CA GLY C 483 26.34 17.12 31.35
C GLY C 483 26.89 18.11 32.35
N LEU C 484 26.06 18.57 33.29
CA LEU C 484 26.51 19.59 34.24
C LEU C 484 27.60 19.03 35.15
N MET C 485 28.58 19.88 35.46
CA MET C 485 29.73 19.45 36.26
C MET C 485 29.38 19.33 37.74
N VAL C 486 28.52 20.20 38.28
CA VAL C 486 28.23 20.25 39.70
C VAL C 486 26.75 20.56 39.88
N LEU C 487 26.15 19.97 40.92
CA LEU C 487 24.78 20.30 41.30
C LEU C 487 24.82 21.65 42.02
N GLN C 488 24.15 22.65 41.44
CA GLN C 488 24.18 24.00 42.00
C GLN C 488 22.96 24.25 42.88
N VAL C 489 22.42 23.20 43.48
CA VAL C 489 21.24 23.29 44.33
C VAL C 489 21.47 22.50 45.61
N ASP C 490 20.89 22.98 46.71
CA ASP C 490 20.98 22.32 48.00
C ASP C 490 20.00 21.15 48.03
N LEU C 491 20.44 20.03 47.45
CA LEU C 491 19.56 18.89 47.23
C LEU C 491 19.02 18.27 48.52
N PRO C 492 19.81 18.04 49.57
CA PRO C 492 19.21 17.60 50.85
C PRO C 492 18.17 18.56 51.41
N CYS C 493 18.25 19.85 51.08
CA CYS C 493 17.28 20.82 51.56
C CYS C 493 15.87 20.55 51.03
N PHE C 494 15.75 19.74 49.98
CA PHE C 494 14.44 19.37 49.42
C PHE C 494 13.79 18.36 50.36
N ILE C 495 12.99 18.88 51.29
CA ILE C 495 12.37 18.03 52.30
C ILE C 495 11.35 17.08 51.67
N CYS C 496 10.66 17.52 50.63
CA CYS C 496 9.56 16.77 50.04
C CYS C 496 9.98 15.86 48.89
N LEU C 497 11.26 15.88 48.50
CA LEU C 497 11.70 15.08 47.37
C LEU C 497 11.59 13.60 47.67
N LYS C 498 11.22 12.82 46.66
CA LYS C 498 10.99 11.39 46.83
C LYS C 498 11.87 10.57 45.88
N ARG C 499 12.03 11.03 44.63
CA ARG C 499 12.87 10.35 43.66
C ARG C 499 13.71 11.38 42.92
N LEU C 500 14.87 10.93 42.43
CA LEU C 500 15.81 11.80 41.73
C LEU C 500 16.50 11.00 40.63
N ASN C 501 16.88 11.70 39.56
CA ASN C 501 17.60 11.11 38.44
C ASN C 501 18.67 12.08 37.98
N LEU C 502 19.92 11.62 37.95
CA LEU C 502 21.07 12.42 37.52
C LEU C 502 21.95 11.68 36.53
N ALA C 503 21.38 10.72 35.79
CA ALA C 503 22.18 9.83 34.98
C ALA C 503 22.81 10.57 33.78
N GLU C 504 23.86 9.95 33.23
CA GLU C 504 24.51 10.45 32.02
C GLU C 504 24.99 11.89 32.18
N ASN C 505 25.61 12.19 33.31
CA ASN C 505 26.15 13.52 33.59
C ASN C 505 27.59 13.37 34.08
N ARG C 506 28.37 14.43 33.90
CA ARG C 506 29.78 14.43 34.29
C ARG C 506 29.99 14.62 35.79
N LEU C 507 28.93 14.45 36.61
CA LEU C 507 28.98 14.76 38.03
C LEU C 507 29.98 13.87 38.76
N SER C 508 30.66 14.44 39.76
CA SER C 508 31.69 13.72 40.52
C SER C 508 31.38 13.59 42.00
N HIS C 509 30.69 14.55 42.61
CA HIS C 509 30.34 14.47 44.02
C HIS C 509 28.94 15.04 44.22
N LEU C 510 28.29 14.57 45.28
CA LEU C 510 26.93 14.94 45.61
C LEU C 510 26.91 15.87 46.83
N PRO C 511 25.92 16.75 46.96
CA PRO C 511 25.84 17.57 48.17
C PRO C 511 25.69 16.71 49.42
N ALA C 512 26.20 17.22 50.54
CA ALA C 512 26.28 16.44 51.77
C ALA C 512 24.91 16.32 52.41
N TRP C 513 24.41 15.08 52.50
CA TRP C 513 23.21 14.81 53.27
C TRP C 513 23.53 14.85 54.76
N THR C 514 22.59 15.39 55.55
CA THR C 514 22.81 15.53 56.98
C THR C 514 21.58 15.21 57.84
N GLN C 515 20.61 14.45 57.31
CA GLN C 515 19.41 14.14 58.08
C GLN C 515 18.68 13.00 57.39
N ALA C 516 17.66 12.49 58.08
CA ALA C 516 16.81 11.43 57.53
C ALA C 516 16.19 11.91 56.23
N VAL C 517 16.45 11.18 55.14
CA VAL C 517 16.05 11.65 53.82
C VAL C 517 14.62 11.23 53.52
N SER C 518 13.88 12.12 52.84
CA SER C 518 12.61 11.74 52.25
C SER C 518 12.80 11.07 50.89
N LEU C 519 14.01 11.07 50.35
CA LEU C 519 14.29 10.42 49.08
C LEU C 519 14.02 8.92 49.20
N GLU C 520 13.59 8.33 48.08
CA GLU C 520 13.28 6.91 48.02
C GLU C 520 14.07 6.17 46.96
N VAL C 521 14.39 6.80 45.83
CA VAL C 521 15.21 6.19 44.79
C VAL C 521 16.12 7.28 44.21
N LEU C 522 17.35 6.90 43.90
CA LEU C 522 18.36 7.84 43.39
C LEU C 522 19.11 7.16 42.25
N ASP C 523 19.19 7.85 41.11
CA ASP C 523 19.71 7.27 39.87
C ASP C 523 20.93 8.05 39.44
N LEU C 524 22.09 7.38 39.43
CA LEU C 524 23.38 8.01 39.19
C LEU C 524 24.20 7.31 38.12
N ARG C 525 23.58 6.90 37.02
CA ARG C 525 24.28 6.06 36.05
C ARG C 525 25.29 6.87 35.24
N ASN C 526 26.37 6.21 34.84
CA ASN C 526 27.35 6.70 33.87
C ASN C 526 28.00 8.02 34.29
N ASN C 527 27.97 8.36 35.58
CA ASN C 527 28.59 9.59 36.03
C ASN C 527 30.04 9.34 36.47
N SER C 528 30.76 10.43 36.72
CA SER C 528 32.16 10.36 37.14
C SER C 528 32.32 10.20 38.64
N PHE C 529 31.29 9.68 39.31
CA PHE C 529 31.35 9.45 40.75
C PHE C 529 32.47 8.48 41.09
N SER C 530 33.28 8.84 42.09
CA SER C 530 34.39 8.01 42.55
C SER C 530 34.20 7.48 43.97
N LEU C 531 33.52 8.22 44.83
CA LEU C 531 33.33 7.82 46.21
C LEU C 531 31.92 8.20 46.66
N LEU C 532 31.37 7.40 47.57
CA LEU C 532 30.10 7.71 48.22
C LEU C 532 30.24 7.46 49.71
N PRO C 533 31.02 8.29 50.40
CA PRO C 533 31.19 8.13 51.85
C PRO C 533 29.93 8.54 52.61
N GLY C 534 29.85 8.03 53.84
CA GLY C 534 28.70 8.35 54.69
C GLY C 534 28.57 9.82 54.99
N SER C 535 29.69 10.55 55.05
CA SER C 535 29.63 11.99 55.30
C SER C 535 28.92 12.72 54.16
N ALA C 536 28.91 12.15 52.96
CA ALA C 536 28.36 12.81 51.78
C ALA C 536 26.90 12.45 51.53
N MET C 537 26.50 11.22 51.87
CA MET C 537 25.13 10.77 51.64
C MET C 537 24.49 10.04 52.81
N GLY C 538 25.14 10.03 53.98
CA GLY C 538 24.54 9.37 55.13
C GLY C 538 23.20 9.99 55.49
N GLY C 539 22.25 9.14 55.89
CA GLY C 539 20.88 9.54 56.11
C GLY C 539 19.93 9.15 55.00
N LEU C 540 20.46 8.79 53.83
CA LEU C 540 19.61 8.31 52.75
C LEU C 540 19.00 6.96 53.09
N GLU C 541 19.73 6.11 53.81
CA GLU C 541 19.29 4.75 54.08
C GLU C 541 17.99 4.70 54.86
N THR C 542 17.60 5.78 55.54
CA THR C 542 16.36 5.79 56.30
C THR C 542 15.14 5.62 55.39
N SER C 543 15.22 6.06 54.14
CA SER C 543 14.09 5.96 53.21
C SER C 543 14.51 5.36 51.87
N LEU C 544 15.80 5.44 51.55
CA LEU C 544 16.30 4.89 50.30
C LEU C 544 16.06 3.39 50.23
N ARG C 545 15.64 2.91 49.05
CA ARG C 545 15.51 1.47 48.82
C ARG C 545 16.01 1.03 47.45
N ARG C 546 16.48 1.92 46.60
CA ARG C 546 17.01 1.55 45.29
C ARG C 546 18.07 2.56 44.87
N LEU C 547 19.16 2.05 44.30
CA LEU C 547 20.28 2.89 43.90
C LEU C 547 20.87 2.35 42.60
N TYR C 548 21.45 3.25 41.81
CA TYR C 548 22.08 2.91 40.54
C TYR C 548 23.43 3.60 40.46
N LEU C 549 24.50 2.81 40.35
CA LEU C 549 25.86 3.33 40.22
C LEU C 549 26.63 2.70 39.08
N GLN C 550 26.03 1.79 38.32
CA GLN C 550 26.75 1.08 37.26
C GLN C 550 27.28 2.06 36.23
N GLY C 551 28.49 1.78 35.73
CA GLY C 551 29.14 2.62 34.75
C GLY C 551 29.97 3.74 35.31
N ASN C 552 29.88 4.01 36.62
CA ASN C 552 30.64 5.08 37.23
C ASN C 552 32.03 4.59 37.63
N PRO C 553 33.04 5.47 37.65
CA PRO C 553 34.41 5.03 37.99
C PRO C 553 34.67 5.04 39.49
N LEU C 554 33.99 4.15 40.21
CA LEU C 554 34.21 4.04 41.65
C LEU C 554 35.62 3.56 41.93
N SER C 555 36.23 4.09 42.98
CA SER C 555 37.55 3.65 43.41
C SER C 555 37.46 2.19 43.87
N CYS C 556 38.27 1.33 43.26
CA CYS C 556 38.23 -0.09 43.59
C CYS C 556 38.60 -0.33 45.05
N CYS C 557 39.43 0.52 45.63
CA CYS C 557 39.88 0.36 47.01
C CYS C 557 39.19 1.32 47.97
N GLY C 558 38.98 2.57 47.56
CA GLY C 558 38.48 3.59 48.46
C GLY C 558 36.98 3.71 48.58
N ASN C 559 36.21 2.87 47.86
CA ASN C 559 34.76 2.99 47.93
C ASN C 559 34.23 2.79 49.34
N GLY C 560 34.84 1.91 50.13
CA GLY C 560 34.51 1.78 51.54
C GLY C 560 33.07 1.42 51.84
N TRP C 561 32.32 2.38 52.38
CA TRP C 561 30.99 2.09 52.89
C TRP C 561 30.01 1.73 51.78
N LEU C 562 30.38 1.94 50.51
CA LEU C 562 29.49 1.59 49.41
C LEU C 562 29.16 0.11 49.41
N ALA C 563 30.15 -0.74 49.67
CA ALA C 563 29.92 -2.17 49.73
C ALA C 563 28.92 -2.55 50.83
N ALA C 564 28.95 -1.85 51.96
CA ALA C 564 27.99 -2.10 53.03
C ALA C 564 26.61 -1.54 52.71
N GLN C 565 26.54 -0.40 52.03
CA GLN C 565 25.25 0.09 51.56
C GLN C 565 24.63 -0.91 50.60
N LEU C 566 25.46 -1.57 49.78
CA LEU C 566 24.96 -2.55 48.82
C LEU C 566 24.32 -3.75 49.50
N HIS C 567 24.58 -3.97 50.80
CA HIS C 567 24.03 -5.13 51.49
C HIS C 567 22.51 -5.04 51.58
N GLN C 568 21.98 -3.90 52.03
CA GLN C 568 20.56 -3.72 52.23
C GLN C 568 20.16 -2.31 51.80
N GLY C 569 18.99 -2.22 51.17
CA GLY C 569 18.48 -0.93 50.73
C GLY C 569 19.17 -0.35 49.52
N ARG C 570 19.98 -1.14 48.80
CA ARG C 570 20.68 -0.68 47.62
C ARG C 570 20.67 -1.79 46.58
N VAL C 571 21.03 -1.42 45.35
CA VAL C 571 21.05 -2.34 44.21
C VAL C 571 22.22 -1.98 43.31
N ASP C 572 22.76 -2.99 42.63
CA ASP C 572 23.87 -2.79 41.70
C ASP C 572 25.07 -2.14 42.38
#